data_9E91
#
_entry.id   9E91
#
_cell.length_a   1.00
_cell.length_b   1.00
_cell.length_c   1.00
_cell.angle_alpha   90.00
_cell.angle_beta   90.00
_cell.angle_gamma   90.00
#
_symmetry.space_group_name_H-M   'P 1'
#
loop_
_entity.id
_entity.type
_entity.pdbx_description
1 polymer 'Retron Ec83 probable ATPase'
2 non-polymer "ADENOSINE-5'-TRIPHOSPHATE"
#
_entity_poly.entity_id   1
_entity_poly.type   'polypeptide(L)'
_entity_poly.pdbx_seq_one_letter_code
;MEQNLPSRITKLIKKSESGDFASSYQLYKVFGSKEYGVEPDEKMSDYFKELSAKQLEGGQLRVADIHLENYKGFESLIMD
FSMKKNSTILVGNNGCGKSTILDAIQKGLTHLSSRLSTRSHNGDGIEKHELRKGQNYASIAINYDYMGIRFPMIIATTEP
GYEDRAKSNYSGINELGSIFKTAHSINPNVSFPLIAMYTVERANDVSTRDIENSEEIKEAQIWDKFKAYNKSLTGKADFK
LFFRWFKELIEIENSDNADITALRAEIRAKEKDLDNPLLKALLAENKNSETTKKLLEDHQNSLKVLKEKLNSYYSVNSKT
LHTVEDAMYSFLPGFSNLKLQRAPLDLIVDKNNVSLSVLQLSQGEKTILALIADIARRLTLLNPNSVNPLDGTGIVLIDE
IDLHLHPSWQQNIIPRLEKTFKNIQFIVTTHSPQVCHTIDSQNIWLLKNGQKFKAPKGVRGAISSWVLENLFEVAQRPPE
DKYTKLLQEYKNLVFSEKYASEDARKLGATLSQHFGPDDETLVELKLEIEKRIWEDDFEKDQ
;
_entity_poly.pdbx_strand_id   A,B
#
# COMPACT_ATOMS: atom_id res chain seq x y z
N ARG A 8 -19.29 3.69 -61.27
CA ARG A 8 -18.17 2.92 -60.76
C ARG A 8 -17.49 3.64 -59.60
N ILE A 9 -16.69 4.65 -59.92
CA ILE A 9 -15.92 5.38 -58.94
C ILE A 9 -16.32 6.85 -58.99
N THR A 10 -16.55 7.43 -57.82
CA THR A 10 -16.79 8.87 -57.68
C THR A 10 -15.44 9.56 -57.44
N LYS A 11 -15.46 10.80 -56.97
CA LYS A 11 -14.23 11.52 -56.66
C LYS A 11 -13.42 10.83 -55.57
N LEU A 12 -13.91 9.69 -55.06
CA LEU A 12 -13.22 8.94 -54.02
C LEU A 12 -11.87 8.40 -54.48
N ILE A 13 -11.46 8.67 -55.71
CA ILE A 13 -10.11 8.37 -56.17
C ILE A 13 -9.14 9.25 -55.38
N LYS A 14 -9.67 10.28 -54.73
CA LYS A 14 -8.88 11.06 -53.78
C LYS A 14 -8.23 10.16 -52.75
N LYS A 15 -9.03 9.31 -52.12
CA LYS A 15 -8.52 8.41 -51.09
C LYS A 15 -7.58 7.38 -51.69
N SER A 16 -7.65 7.15 -52.99
CA SER A 16 -6.73 6.25 -53.68
C SER A 16 -5.42 6.93 -54.05
N GLU A 17 -5.24 8.19 -53.68
CA GLU A 17 -3.98 8.91 -53.94
C GLU A 17 -2.97 8.55 -52.84
N SER A 18 -2.87 7.25 -52.58
CA SER A 18 -2.01 6.70 -51.52
C SER A 18 -2.08 7.54 -50.25
N GLY A 19 -3.30 7.83 -49.79
CA GLY A 19 -3.47 8.69 -48.65
C GLY A 19 -2.98 8.08 -47.35
N ASP A 20 -3.05 8.88 -46.30
CA ASP A 20 -2.64 8.42 -44.97
C ASP A 20 -3.48 7.21 -44.54
N PHE A 21 -3.02 6.54 -43.49
CA PHE A 21 -3.60 5.27 -43.07
C PHE A 21 -5.11 5.30 -42.95
N ALA A 22 -5.67 6.48 -42.63
CA ALA A 22 -7.13 6.60 -42.60
C ALA A 22 -7.73 6.22 -43.94
N SER A 23 -7.22 6.81 -45.03
CA SER A 23 -7.72 6.48 -46.36
C SER A 23 -7.40 5.03 -46.75
N SER A 24 -6.19 4.56 -46.41
CA SER A 24 -5.81 3.20 -46.78
C SER A 24 -6.72 2.17 -46.12
N TYR A 25 -7.07 2.38 -44.85
CA TYR A 25 -7.97 1.44 -44.18
C TYR A 25 -9.41 1.64 -44.65
N GLN A 26 -9.82 2.89 -44.89
CA GLN A 26 -11.17 3.13 -45.38
C GLN A 26 -11.40 2.54 -46.76
N LEU A 27 -10.34 2.33 -47.53
CA LEU A 27 -10.44 1.68 -48.83
C LEU A 27 -10.39 0.17 -48.74
N TYR A 28 -10.49 -0.39 -47.54
CA TYR A 28 -10.74 -1.83 -47.38
C TYR A 28 -12.23 -2.08 -47.13
N LYS A 29 -12.79 -1.45 -46.11
CA LYS A 29 -14.20 -1.66 -45.75
C LYS A 29 -15.10 -1.45 -46.96
N VAL A 30 -14.96 -0.30 -47.62
CA VAL A 30 -15.46 -0.12 -48.96
C VAL A 30 -14.29 -0.36 -49.90
N PHE A 31 -14.60 -0.57 -51.19
CA PHE A 31 -13.60 -0.99 -52.18
C PHE A 31 -13.03 -2.36 -51.84
N GLY A 32 -13.52 -2.98 -50.78
CA GLY A 32 -13.31 -4.39 -50.55
C GLY A 32 -14.57 -5.03 -50.00
N SER A 33 -15.10 -6.01 -50.71
CA SER A 33 -16.36 -6.66 -50.35
C SER A 33 -17.49 -5.65 -50.22
N LYS A 34 -18.63 -6.12 -49.68
CA LYS A 34 -19.80 -5.32 -49.34
C LYS A 34 -20.58 -4.85 -50.57
N GLU A 35 -20.00 -5.02 -51.76
CA GLU A 35 -20.66 -4.85 -53.06
C GLU A 35 -21.47 -3.55 -53.19
N TYR A 36 -21.22 -2.55 -52.34
CA TYR A 36 -21.99 -1.30 -52.44
C TYR A 36 -21.29 -0.27 -53.32
N GLY A 37 -20.09 0.14 -52.95
CA GLY A 37 -19.41 1.22 -53.65
C GLY A 37 -18.82 0.81 -54.99
N VAL A 38 -17.84 -0.09 -54.96
CA VAL A 38 -17.12 -0.52 -56.15
C VAL A 38 -17.13 -2.05 -56.15
N GLU A 39 -16.99 -2.62 -57.35
CA GLU A 39 -17.03 -4.07 -57.50
C GLU A 39 -15.95 -4.72 -56.64
N PRO A 40 -16.30 -5.71 -55.82
CA PRO A 40 -15.31 -6.30 -54.90
C PRO A 40 -14.30 -7.19 -55.61
N ASP A 41 -13.23 -6.60 -56.13
CA ASP A 41 -12.25 -7.38 -56.87
C ASP A 41 -11.44 -8.32 -55.97
N GLU A 42 -11.31 -8.00 -54.68
CA GLU A 42 -10.62 -8.79 -53.66
C GLU A 42 -9.11 -8.85 -53.83
N LYS A 43 -8.55 -8.27 -54.89
CA LYS A 43 -7.10 -8.27 -55.07
C LYS A 43 -6.47 -7.06 -54.41
N MET A 44 -6.93 -5.87 -54.78
CA MET A 44 -6.47 -4.66 -54.11
C MET A 44 -6.90 -4.61 -52.65
N SER A 45 -7.87 -5.43 -52.23
CA SER A 45 -8.17 -5.54 -50.81
C SER A 45 -6.99 -6.14 -50.04
N ASP A 46 -6.48 -7.27 -50.52
CA ASP A 46 -5.29 -7.87 -49.91
C ASP A 46 -4.09 -6.94 -50.06
N TYR A 47 -3.95 -6.30 -51.22
CA TYR A 47 -2.85 -5.36 -51.41
C TYR A 47 -2.94 -4.20 -50.41
N PHE A 48 -4.16 -3.76 -50.09
CA PHE A 48 -4.33 -2.65 -49.16
C PHE A 48 -4.12 -3.08 -47.71
N LYS A 49 -4.47 -4.32 -47.37
CA LYS A 49 -4.05 -4.86 -46.08
C LYS A 49 -2.53 -4.90 -45.98
N GLU A 50 -1.85 -5.30 -47.05
CA GLU A 50 -0.39 -5.29 -47.02
C GLU A 50 0.17 -3.88 -46.95
N LEU A 51 -0.50 -2.91 -47.58
CA LEU A 51 -0.02 -1.53 -47.54
C LEU A 51 -0.24 -0.89 -46.17
N SER A 52 -1.38 -1.14 -45.55
CA SER A 52 -1.67 -0.57 -44.24
C SER A 52 -1.00 -1.36 -43.14
N ALA A 53 0.27 -1.70 -43.33
CA ALA A 53 1.12 -2.29 -42.30
C ALA A 53 2.40 -1.50 -42.11
N LYS A 54 2.96 -0.95 -43.19
CA LYS A 54 4.12 -0.07 -43.11
C LYS A 54 3.73 1.39 -42.93
N GLN A 55 2.45 1.73 -43.05
CA GLN A 55 1.97 3.09 -42.87
C GLN A 55 1.93 3.52 -41.41
N LEU A 56 1.83 2.56 -40.48
CA LEU A 56 1.76 2.87 -39.05
C LEU A 56 3.14 3.04 -38.43
N GLU A 57 3.98 3.85 -39.08
CA GLU A 57 5.31 4.12 -38.55
C GLU A 57 5.25 5.07 -37.38
N GLY A 58 4.39 6.09 -37.45
CA GLY A 58 4.27 7.07 -36.39
C GLY A 58 2.88 7.17 -35.82
N GLY A 59 2.22 6.03 -35.65
CA GLY A 59 0.86 6.02 -35.14
C GLY A 59 0.80 6.14 -33.63
N GLN A 60 -0.41 6.34 -33.13
CA GLN A 60 -0.67 6.47 -31.71
C GLN A 60 -1.96 5.76 -31.35
N LEU A 61 -1.94 5.01 -30.25
CA LEU A 61 -3.10 4.25 -29.78
C LEU A 61 -3.63 4.88 -28.50
N ARG A 62 -4.91 5.26 -28.52
CA ARG A 62 -5.60 5.82 -27.37
C ARG A 62 -6.97 5.16 -27.21
N VAL A 63 -7.68 5.58 -26.18
CA VAL A 63 -9.05 5.13 -25.92
C VAL A 63 -9.98 6.32 -26.13
N ALA A 64 -10.98 6.14 -26.98
CA ALA A 64 -11.87 7.25 -27.33
C ALA A 64 -12.87 7.53 -26.21
N ASP A 65 -13.74 6.57 -25.93
CA ASP A 65 -14.75 6.72 -24.89
C ASP A 65 -15.21 5.34 -24.47
N ILE A 66 -15.81 5.27 -23.28
CA ILE A 66 -16.27 4.00 -22.74
C ILE A 66 -17.74 4.13 -22.35
N HIS A 67 -18.44 3.00 -22.44
CA HIS A 67 -19.82 2.88 -21.98
C HIS A 67 -19.88 1.81 -20.91
N LEU A 68 -20.36 2.19 -19.72
CA LEU A 68 -20.57 1.26 -18.63
C LEU A 68 -22.04 1.27 -18.25
N GLU A 69 -22.62 0.08 -18.13
CA GLU A 69 -24.05 -0.05 -17.81
C GLU A 69 -24.21 -1.24 -16.87
N ASN A 70 -24.56 -0.95 -15.62
CA ASN A 70 -24.78 -1.90 -14.54
C ASN A 70 -23.50 -2.64 -14.15
N TYR A 71 -22.36 -2.31 -14.74
CA TYR A 71 -21.08 -2.84 -14.29
C TYR A 71 -20.68 -2.08 -13.03
N LYS A 72 -20.59 -2.81 -11.92
CA LYS A 72 -20.27 -2.24 -10.62
C LYS A 72 -21.35 -1.25 -10.19
N GLY A 73 -20.97 -0.20 -9.47
CA GLY A 73 -21.95 0.76 -8.98
C GLY A 73 -22.59 1.58 -10.08
N PHE A 74 -21.83 1.92 -11.12
CA PHE A 74 -22.30 2.82 -12.17
C PHE A 74 -23.49 2.25 -12.94
N GLU A 75 -24.64 2.93 -12.86
CA GLU A 75 -25.79 2.52 -13.65
C GLU A 75 -25.56 2.81 -15.13
N SER A 76 -25.05 3.99 -15.46
CA SER A 76 -24.75 4.36 -16.83
C SER A 76 -23.85 5.59 -16.81
N LEU A 77 -22.75 5.54 -17.55
CA LEU A 77 -21.82 6.65 -17.59
C LEU A 77 -21.04 6.60 -18.89
N ILE A 78 -20.98 7.75 -19.58
CA ILE A 78 -20.26 7.88 -20.85
C ILE A 78 -19.33 9.07 -20.74
N MET A 79 -18.02 8.82 -20.83
CA MET A 79 -17.04 9.90 -20.85
C MET A 79 -16.14 9.75 -22.07
N ASP A 80 -15.88 10.86 -22.74
CA ASP A 80 -15.05 10.89 -23.94
C ASP A 80 -13.65 11.36 -23.55
N PHE A 81 -12.70 10.44 -23.56
CA PHE A 81 -11.32 10.79 -23.23
C PHE A 81 -10.71 11.62 -24.36
N SER A 82 -10.37 12.87 -24.06
CA SER A 82 -9.81 13.76 -25.07
C SER A 82 -8.47 13.21 -25.56
N MET A 83 -8.30 13.17 -26.88
CA MET A 83 -7.10 12.62 -27.48
C MET A 83 -6.06 13.69 -27.82
N LYS A 84 -6.45 14.96 -27.88
CA LYS A 84 -5.47 16.02 -28.09
C LYS A 84 -4.49 16.09 -26.94
N LYS A 85 -4.98 15.94 -25.71
CA LYS A 85 -4.12 15.88 -24.53
C LYS A 85 -3.79 14.42 -24.22
N ASN A 86 -2.52 14.17 -23.89
CA ASN A 86 -2.04 12.82 -23.65
C ASN A 86 -2.11 12.41 -22.18
N SER A 87 -3.02 13.01 -21.41
CA SER A 87 -3.14 12.67 -20.01
C SER A 87 -4.53 13.06 -19.52
N THR A 88 -5.19 12.13 -18.82
CA THR A 88 -6.50 12.37 -18.23
C THR A 88 -6.48 11.94 -16.77
N ILE A 89 -7.16 12.71 -15.92
CA ILE A 89 -7.11 12.50 -14.48
C ILE A 89 -8.53 12.30 -13.98
N LEU A 90 -8.73 11.30 -13.13
CA LEU A 90 -10.02 10.96 -12.56
C LEU A 90 -9.97 11.21 -11.05
N VAL A 91 -10.36 12.41 -10.64
CA VAL A 91 -10.32 12.80 -9.23
C VAL A 91 -11.68 12.51 -8.60
N GLY A 92 -11.65 12.01 -7.37
CA GLY A 92 -12.88 11.79 -6.63
C GLY A 92 -12.56 11.29 -5.24
N ASN A 93 -13.61 11.15 -4.44
CA ASN A 93 -13.48 10.57 -3.10
C ASN A 93 -13.40 9.06 -3.21
N ASN A 94 -13.54 8.35 -2.09
CA ASN A 94 -13.54 6.89 -2.09
C ASN A 94 -14.97 6.39 -2.01
N GLY A 95 -15.33 5.49 -2.92
CA GLY A 95 -16.69 5.04 -3.07
C GLY A 95 -17.45 5.64 -4.24
N CYS A 96 -16.79 6.42 -5.08
CA CYS A 96 -17.43 7.05 -6.22
C CYS A 96 -17.32 6.24 -7.50
N GLY A 97 -16.21 5.54 -7.72
CA GLY A 97 -16.07 4.70 -8.89
C GLY A 97 -14.85 4.99 -9.75
N LYS A 98 -13.80 5.55 -9.16
CA LYS A 98 -12.59 5.82 -9.92
C LYS A 98 -11.98 4.52 -10.45
N SER A 99 -11.87 3.51 -9.58
CA SER A 99 -11.27 2.24 -9.99
C SER A 99 -12.20 1.40 -10.84
N THR A 100 -13.52 1.56 -10.69
CA THR A 100 -14.46 0.86 -11.55
C THR A 100 -14.25 1.24 -13.01
N ILE A 101 -14.08 2.54 -13.27
CA ILE A 101 -13.76 2.99 -14.62
C ILE A 101 -12.46 2.38 -15.10
N LEU A 102 -11.44 2.38 -14.24
CA LEU A 102 -10.16 1.78 -14.61
C LEU A 102 -10.25 0.27 -14.77
N ASP A 103 -11.03 -0.40 -13.91
CA ASP A 103 -11.13 -1.85 -13.99
C ASP A 103 -11.89 -2.29 -15.24
N ALA A 104 -12.85 -1.49 -15.70
CA ALA A 104 -13.51 -1.79 -16.96
C ALA A 104 -12.53 -1.76 -18.13
N ILE A 105 -11.71 -0.70 -18.20
CA ILE A 105 -10.69 -0.65 -19.23
C ILE A 105 -9.68 -1.77 -19.06
N GLN A 106 -9.41 -2.20 -17.83
CA GLN A 106 -8.49 -3.32 -17.63
C GLN A 106 -9.08 -4.66 -18.06
N LYS A 107 -10.41 -4.80 -18.03
CA LYS A 107 -11.05 -5.99 -18.57
C LYS A 107 -11.28 -5.90 -20.07
N GLY A 108 -11.11 -4.72 -20.66
CA GLY A 108 -11.11 -4.61 -22.11
C GLY A 108 -9.72 -4.78 -22.72
N LEU A 109 -8.73 -4.20 -22.04
CA LEU A 109 -7.35 -4.32 -22.48
C LEU A 109 -6.86 -5.76 -22.37
N THR A 110 -7.47 -6.57 -21.51
CA THR A 110 -7.12 -7.98 -21.49
C THR A 110 -7.45 -8.65 -22.81
N HIS A 111 -8.66 -8.41 -23.33
CA HIS A 111 -9.03 -8.91 -24.65
C HIS A 111 -8.21 -8.28 -25.77
N LEU A 112 -7.83 -7.02 -25.64
CA LEU A 112 -6.95 -6.44 -26.67
C LEU A 112 -5.56 -7.08 -26.67
N SER A 113 -4.98 -7.31 -25.49
CA SER A 113 -3.68 -7.96 -25.41
C SER A 113 -3.74 -9.41 -25.86
N SER A 114 -4.87 -10.08 -25.61
CA SER A 114 -5.02 -11.46 -26.04
C SER A 114 -4.90 -11.59 -27.55
N ARG A 115 -5.27 -10.54 -28.30
CA ARG A 115 -5.07 -10.52 -29.74
C ARG A 115 -3.71 -9.97 -30.14
N LEU A 116 -3.19 -8.98 -29.41
CA LEU A 116 -1.92 -8.38 -29.81
C LEU A 116 -0.73 -9.29 -29.50
N SER A 117 -0.72 -9.93 -28.33
CA SER A 117 0.43 -10.72 -27.91
C SER A 117 0.43 -12.05 -28.65
N THR A 118 1.35 -12.94 -28.28
CA THR A 118 1.44 -14.25 -28.91
C THR A 118 0.25 -15.14 -28.59
N ARG A 119 -0.61 -14.58 -27.74
CA ARG A 119 -1.83 -15.31 -27.41
C ARG A 119 -2.81 -15.11 -28.57
N SER A 120 -3.64 -16.10 -28.85
CA SER A 120 -4.74 -15.95 -29.82
C SER A 120 -6.08 -16.17 -29.11
N HIS A 121 -6.03 -16.78 -27.92
CA HIS A 121 -7.26 -17.09 -27.20
C HIS A 121 -7.85 -15.79 -26.68
N ASN A 122 -8.82 -15.91 -25.77
CA ASN A 122 -9.50 -14.78 -25.18
C ASN A 122 -8.98 -14.53 -23.77
N GLY A 123 -9.47 -13.46 -23.16
CA GLY A 123 -9.02 -13.08 -21.83
C GLY A 123 -10.10 -13.18 -20.77
N ASP A 124 -10.23 -12.13 -19.97
CA ASP A 124 -11.16 -12.12 -18.84
C ASP A 124 -12.57 -11.79 -19.33
N GLY A 125 -13.50 -11.64 -18.39
CA GLY A 125 -14.87 -11.30 -18.73
C GLY A 125 -15.62 -10.94 -17.47
N ILE A 126 -16.85 -10.46 -17.67
CA ILE A 126 -17.68 -10.05 -16.54
C ILE A 126 -18.17 -11.29 -15.80
N GLU A 127 -18.05 -11.27 -14.48
CA GLU A 127 -18.37 -12.41 -13.62
C GLU A 127 -19.53 -12.06 -12.69
N LYS A 128 -19.81 -12.98 -11.76
CA LYS A 128 -21.01 -12.86 -10.94
C LYS A 128 -20.92 -11.69 -9.97
N HIS A 129 -19.81 -11.57 -9.25
CA HIS A 129 -19.72 -10.52 -8.23
C HIS A 129 -19.65 -9.13 -8.86
N GLU A 130 -19.02 -9.02 -10.03
CA GLU A 130 -18.85 -7.72 -10.69
C GLU A 130 -20.05 -7.43 -11.62
N LEU A 131 -21.23 -7.45 -11.00
CA LEU A 131 -22.48 -7.10 -11.67
C LEU A 131 -23.39 -6.47 -10.62
N ARG A 132 -24.10 -5.42 -11.01
CA ARG A 132 -24.85 -4.63 -10.04
C ARG A 132 -25.93 -5.48 -9.37
N LYS A 133 -26.18 -5.19 -8.10
CA LYS A 133 -27.15 -5.95 -7.31
C LYS A 133 -28.56 -5.53 -7.71
N GLY A 134 -29.30 -6.47 -8.29
CA GLY A 134 -30.66 -6.20 -8.72
C GLY A 134 -30.86 -6.34 -10.22
N GLN A 135 -29.88 -5.86 -10.99
CA GLN A 135 -29.95 -5.94 -12.43
C GLN A 135 -29.41 -7.29 -12.92
N ASN A 136 -29.53 -7.52 -14.22
CA ASN A 136 -29.10 -8.80 -14.80
C ASN A 136 -28.30 -8.69 -16.08
N TYR A 137 -28.22 -7.52 -16.73
CA TYR A 137 -27.37 -7.34 -17.90
C TYR A 137 -26.26 -6.36 -17.58
N ALA A 138 -25.05 -6.65 -18.05
CA ALA A 138 -23.91 -5.77 -17.90
C ALA A 138 -23.48 -5.27 -19.28
N SER A 139 -22.64 -4.22 -19.27
CA SER A 139 -22.18 -3.62 -20.51
C SER A 139 -20.88 -2.89 -20.25
N ILE A 140 -19.82 -3.32 -20.92
CA ILE A 140 -18.52 -2.64 -20.90
C ILE A 140 -18.11 -2.44 -22.35
N ALA A 141 -18.43 -1.28 -22.90
CA ALA A 141 -18.10 -0.96 -24.29
C ALA A 141 -16.96 0.05 -24.31
N ILE A 142 -15.84 -0.35 -24.91
CA ILE A 142 -14.67 0.51 -25.02
C ILE A 142 -14.37 0.70 -26.51
N ASN A 143 -14.41 1.94 -26.96
CA ASN A 143 -14.15 2.27 -28.36
C ASN A 143 -12.73 2.79 -28.49
N TYR A 144 -11.91 2.08 -29.27
CA TYR A 144 -10.51 2.44 -29.47
C TYR A 144 -10.35 3.29 -30.74
N ASP A 145 -9.23 4.00 -30.80
CA ASP A 145 -8.88 4.76 -31.99
C ASP A 145 -7.40 4.54 -32.28
N TYR A 146 -7.08 4.26 -33.53
CA TYR A 146 -5.69 4.10 -33.98
C TYR A 146 -5.53 4.91 -35.26
N MET A 147 -4.88 6.07 -35.13
CA MET A 147 -4.66 7.00 -36.23
C MET A 147 -5.97 7.41 -36.90
N GLY A 148 -6.97 7.73 -36.08
CA GLY A 148 -8.23 8.26 -36.57
C GLY A 148 -9.28 7.24 -36.95
N ILE A 149 -8.96 5.95 -36.91
CA ILE A 149 -9.91 4.89 -37.21
C ILE A 149 -10.48 4.38 -35.89
N ARG A 150 -11.80 4.24 -35.81
CA ARG A 150 -12.47 3.90 -34.57
C ARG A 150 -12.75 2.40 -34.55
N PHE A 151 -12.38 1.75 -33.47
CA PHE A 151 -12.55 0.30 -33.32
C PHE A 151 -13.49 -0.01 -32.17
N PRO A 152 -14.73 -0.42 -32.44
CA PRO A 152 -15.66 -0.74 -31.35
C PRO A 152 -15.29 -2.03 -30.62
N MET A 153 -15.80 -2.13 -29.39
CA MET A 153 -15.70 -3.33 -28.59
C MET A 153 -16.86 -3.37 -27.61
N ILE A 154 -17.38 -4.57 -27.35
CA ILE A 154 -18.45 -4.77 -26.36
C ILE A 154 -18.15 -6.05 -25.59
N ILE A 155 -17.76 -5.92 -24.33
CA ILE A 155 -17.73 -7.04 -23.39
C ILE A 155 -19.00 -6.92 -22.55
N ALA A 156 -20.04 -7.65 -22.93
CA ALA A 156 -21.31 -7.60 -22.23
C ALA A 156 -21.84 -9.01 -22.05
N THR A 157 -22.20 -9.34 -20.81
CA THR A 157 -22.83 -10.62 -20.51
C THR A 157 -24.01 -10.37 -19.58
N THR A 158 -24.98 -11.29 -19.62
CA THR A 158 -26.19 -11.15 -18.86
C THR A 158 -26.54 -12.48 -18.19
N GLU A 159 -27.32 -12.39 -17.12
CA GLU A 159 -27.79 -13.58 -16.43
C GLU A 159 -28.76 -14.36 -17.33
N PRO A 160 -28.76 -15.69 -17.24
CA PRO A 160 -29.60 -16.49 -18.12
C PRO A 160 -31.08 -16.34 -17.79
N GLY A 161 -31.91 -16.60 -18.78
CA GLY A 161 -33.35 -16.53 -18.64
C GLY A 161 -34.02 -15.31 -19.23
N TYR A 162 -33.28 -14.47 -19.96
CA TYR A 162 -33.84 -13.27 -20.55
C TYR A 162 -33.54 -13.24 -22.04
N GLU A 163 -34.37 -12.50 -22.78
CA GLU A 163 -34.37 -12.52 -24.24
C GLU A 163 -33.22 -11.68 -24.81
N ASP A 164 -32.00 -12.07 -24.45
CA ASP A 164 -30.77 -11.51 -25.00
C ASP A 164 -30.77 -9.99 -24.98
N ARG A 165 -30.95 -9.44 -23.78
CA ARG A 165 -30.91 -7.98 -23.62
C ARG A 165 -29.52 -7.40 -23.83
N ALA A 166 -28.48 -8.24 -23.86
CA ALA A 166 -27.13 -7.78 -24.12
C ALA A 166 -26.34 -8.91 -24.75
N LYS A 167 -25.40 -8.55 -25.63
CA LYS A 167 -24.58 -9.51 -26.34
C LYS A 167 -23.14 -9.00 -26.41
N SER A 168 -22.26 -9.88 -26.88
CA SER A 168 -20.83 -9.58 -26.95
C SER A 168 -20.40 -9.49 -28.41
N ASN A 169 -19.71 -8.40 -28.75
CA ASN A 169 -19.19 -8.18 -30.10
C ASN A 169 -17.72 -7.80 -30.00
N TYR A 170 -16.86 -8.51 -30.73
CA TYR A 170 -15.42 -8.31 -30.67
C TYR A 170 -14.87 -8.01 -32.06
N SER A 171 -15.50 -7.09 -32.79
CA SER A 171 -15.13 -6.84 -34.18
C SER A 171 -13.88 -5.97 -34.29
N GLY A 172 -13.85 -4.83 -33.60
CA GLY A 172 -12.78 -3.86 -33.81
C GLY A 172 -11.41 -4.37 -33.39
N ILE A 173 -11.33 -5.02 -32.22
CA ILE A 173 -10.03 -5.46 -31.73
C ILE A 173 -9.46 -6.56 -32.62
N ASN A 174 -10.31 -7.38 -33.23
CA ASN A 174 -9.82 -8.37 -34.18
C ASN A 174 -9.11 -7.70 -35.34
N GLU A 175 -9.69 -6.61 -35.86
CA GLU A 175 -9.06 -5.87 -36.95
C GLU A 175 -7.78 -5.19 -36.51
N LEU A 176 -7.76 -4.63 -35.30
CA LEU A 176 -6.54 -4.01 -34.78
C LEU A 176 -5.43 -5.03 -34.66
N GLY A 177 -5.73 -6.19 -34.08
CA GLY A 177 -4.74 -7.25 -33.99
C GLY A 177 -4.30 -7.75 -35.35
N SER A 178 -5.23 -7.82 -36.30
CA SER A 178 -4.87 -8.26 -37.65
C SER A 178 -3.89 -7.30 -38.30
N ILE A 179 -4.14 -5.99 -38.19
CA ILE A 179 -3.24 -5.03 -38.83
C ILE A 179 -1.89 -5.01 -38.12
N PHE A 180 -1.88 -5.15 -36.79
CA PHE A 180 -0.59 -5.23 -36.10
C PHE A 180 0.18 -6.49 -36.48
N LYS A 181 -0.50 -7.63 -36.60
CA LYS A 181 0.16 -8.86 -37.01
C LYS A 181 0.69 -8.75 -38.43
N THR A 182 -0.07 -8.11 -39.32
CA THR A 182 0.41 -7.89 -40.68
C THR A 182 1.64 -7.00 -40.68
N ALA A 183 1.66 -5.99 -39.80
CA ALA A 183 2.85 -5.16 -39.65
C ALA A 183 4.05 -5.99 -39.20
N HIS A 184 3.82 -6.90 -38.26
CA HIS A 184 4.90 -7.77 -37.79
C HIS A 184 5.45 -8.65 -38.89
N SER A 185 4.60 -9.09 -39.82
CA SER A 185 5.03 -10.04 -40.84
C SER A 185 6.04 -9.40 -41.79
N ILE A 186 5.88 -8.11 -42.08
CA ILE A 186 6.76 -7.45 -43.05
C ILE A 186 8.07 -7.03 -42.40
N ASN A 187 7.99 -6.13 -41.41
CA ASN A 187 9.16 -5.65 -40.69
C ASN A 187 9.08 -6.10 -39.25
N PRO A 188 10.01 -6.91 -38.76
CA PRO A 188 9.87 -7.46 -37.40
C PRO A 188 10.25 -6.48 -36.30
N ASN A 189 9.86 -5.22 -36.46
CA ASN A 189 9.90 -4.24 -35.37
C ASN A 189 8.93 -3.12 -35.76
N VAL A 190 7.73 -3.15 -35.19
CA VAL A 190 6.68 -2.24 -35.64
C VAL A 190 6.06 -1.48 -34.48
N SER A 191 6.80 -1.34 -33.38
CA SER A 191 6.42 -0.49 -32.26
C SER A 191 5.04 -0.84 -31.72
N PHE A 192 4.96 -2.05 -31.18
CA PHE A 192 3.70 -2.52 -30.60
C PHE A 192 3.27 -1.60 -29.46
N PRO A 193 1.99 -1.24 -29.39
CA PRO A 193 1.53 -0.39 -28.29
C PRO A 193 1.64 -1.09 -26.95
N LEU A 194 1.87 -0.30 -25.91
CA LEU A 194 2.01 -0.85 -24.57
C LEU A 194 0.66 -0.86 -23.87
N ILE A 195 0.38 -1.97 -23.17
CA ILE A 195 -0.84 -2.13 -22.40
C ILE A 195 -0.44 -2.54 -21.00
N ALA A 196 -0.77 -1.71 -20.00
CA ALA A 196 -0.43 -2.02 -18.62
C ALA A 196 -1.28 -1.20 -17.68
N MET A 197 -1.77 -1.86 -16.63
CA MET A 197 -2.43 -1.20 -15.50
C MET A 197 -1.53 -1.32 -14.28
N TYR A 198 -1.49 -0.25 -13.48
CA TYR A 198 -0.66 -0.20 -12.28
C TYR A 198 -1.60 0.06 -11.10
N THR A 199 -1.94 -1.01 -10.38
CA THR A 199 -2.99 -0.96 -9.38
C THR A 199 -2.47 -0.30 -8.10
N VAL A 200 -3.29 -0.33 -7.05
CA VAL A 200 -2.93 0.23 -5.75
C VAL A 200 -1.90 -0.60 -5.02
N GLU A 201 -1.47 -1.72 -5.58
CA GLU A 201 -0.50 -2.60 -4.95
C GLU A 201 0.74 -2.74 -5.81
N ARG A 202 1.26 -1.61 -6.30
CA ARG A 202 2.61 -1.63 -6.83
C ARG A 202 3.58 -1.92 -5.71
N ALA A 203 4.86 -2.05 -6.08
CA ALA A 203 5.90 -2.43 -5.12
C ALA A 203 5.49 -3.79 -4.55
N ASN A 204 5.67 -3.99 -3.24
CA ASN A 204 5.34 -5.23 -2.53
C ASN A 204 6.30 -6.34 -2.91
N ASP A 205 7.11 -6.11 -3.94
CA ASP A 205 8.16 -7.04 -4.37
C ASP A 205 9.40 -6.27 -4.82
N VAL A 206 9.71 -5.16 -4.14
CA VAL A 206 10.86 -4.35 -4.52
C VAL A 206 11.88 -4.42 -3.39
N SER A 207 11.95 -5.57 -2.74
CA SER A 207 12.96 -5.84 -1.73
C SER A 207 13.92 -6.91 -2.26
N THR A 208 15.19 -6.77 -1.89
CA THR A 208 16.22 -7.76 -2.23
C THR A 208 16.55 -8.65 -1.04
N ARG A 209 15.61 -8.81 -0.11
CA ARG A 209 15.86 -9.64 1.06
C ARG A 209 16.04 -11.10 0.68
N ASP A 210 15.49 -11.52 -0.45
CA ASP A 210 15.50 -12.93 -0.83
C ASP A 210 16.00 -13.22 -2.23
N ILE A 211 16.10 -12.23 -3.13
CA ILE A 211 16.43 -12.51 -4.52
C ILE A 211 17.78 -13.21 -4.59
N GLU A 212 17.76 -14.45 -5.06
CA GLU A 212 18.93 -15.32 -5.12
C GLU A 212 18.52 -16.52 -5.98
N ASN A 213 19.36 -17.55 -6.01
CA ASN A 213 19.06 -18.76 -6.77
C ASN A 213 17.91 -19.58 -6.19
N SER A 214 17.19 -19.13 -5.17
CA SER A 214 16.16 -19.91 -4.52
C SER A 214 14.74 -19.51 -4.93
N GLU A 215 14.58 -18.55 -5.82
CA GLU A 215 13.27 -18.08 -6.23
C GLU A 215 13.06 -18.30 -7.73
N GLU A 216 11.84 -17.98 -8.18
CA GLU A 216 11.41 -18.33 -9.53
C GLU A 216 12.21 -17.61 -10.62
N ILE A 217 12.90 -16.52 -10.29
CA ILE A 217 13.72 -15.81 -11.29
C ILE A 217 15.08 -16.49 -11.24
N LYS A 218 15.20 -17.58 -11.98
CA LYS A 218 16.44 -18.32 -12.13
C LYS A 218 16.62 -18.91 -13.53
N GLU A 219 15.55 -19.05 -14.30
CA GLU A 219 15.59 -19.64 -15.63
C GLU A 219 15.76 -18.54 -16.67
N ALA A 220 16.44 -18.88 -17.77
CA ALA A 220 16.65 -17.93 -18.85
C ALA A 220 15.33 -17.42 -19.39
N GLN A 221 15.22 -16.10 -19.54
CA GLN A 221 14.01 -15.45 -19.98
C GLN A 221 14.28 -14.70 -21.28
N ILE A 222 13.45 -14.93 -22.28
CA ILE A 222 13.64 -14.35 -23.61
C ILE A 222 13.24 -12.89 -23.59
N TRP A 223 14.14 -12.02 -24.06
CA TRP A 223 13.90 -10.58 -24.14
C TRP A 223 13.41 -10.26 -25.55
N ASP A 224 12.08 -10.13 -25.69
CA ASP A 224 11.47 -9.78 -26.96
C ASP A 224 10.34 -8.79 -26.69
N LYS A 225 9.82 -8.19 -27.76
CA LYS A 225 8.76 -7.20 -27.62
C LYS A 225 7.46 -7.81 -27.14
N PHE A 226 7.31 -9.13 -27.20
CA PHE A 226 6.14 -9.80 -26.66
C PHE A 226 6.25 -10.06 -25.17
N LYS A 227 7.42 -9.84 -24.57
CA LYS A 227 7.61 -10.10 -23.14
C LYS A 227 6.94 -9.04 -22.28
N ALA A 228 6.70 -7.85 -22.82
CA ALA A 228 6.13 -6.76 -22.03
C ALA A 228 4.66 -6.99 -21.68
N TYR A 229 4.02 -8.00 -22.25
CA TYR A 229 2.61 -8.27 -22.02
C TYR A 229 2.38 -9.34 -20.95
N ASN A 230 3.42 -9.73 -20.23
CA ASN A 230 3.29 -10.72 -19.16
C ASN A 230 3.08 -10.00 -17.83
N LYS A 231 1.96 -10.30 -17.17
CA LYS A 231 1.62 -9.72 -15.88
C LYS A 231 1.55 -8.20 -15.90
N SER A 232 1.33 -7.61 -17.09
CA SER A 232 1.30 -6.16 -17.19
C SER A 232 0.01 -5.58 -16.64
N LEU A 233 -1.11 -6.29 -16.79
CA LEU A 233 -2.40 -5.82 -16.28
C LEU A 233 -2.68 -6.29 -14.87
N THR A 234 -1.80 -7.10 -14.28
CA THR A 234 -2.01 -7.55 -12.91
C THR A 234 -1.96 -6.38 -11.94
N GLY A 235 -1.02 -5.45 -12.15
CA GLY A 235 -0.90 -4.28 -11.32
C GLY A 235 0.25 -4.27 -10.35
N LYS A 236 1.26 -5.10 -10.56
CA LYS A 236 2.42 -5.19 -9.68
C LYS A 236 3.66 -4.77 -10.43
N ALA A 237 4.47 -3.91 -9.80
CA ALA A 237 5.76 -3.50 -10.37
C ALA A 237 6.74 -4.66 -10.21
N ASP A 238 6.95 -5.39 -11.31
CA ASP A 238 7.80 -6.58 -11.30
C ASP A 238 9.26 -6.14 -11.22
N PHE A 239 9.70 -5.83 -9.99
CA PHE A 239 11.06 -5.33 -9.80
C PHE A 239 12.09 -6.44 -9.88
N LYS A 240 11.73 -7.67 -9.52
CA LYS A 240 12.70 -8.77 -9.57
C LYS A 240 13.13 -9.05 -11.00
N LEU A 241 12.18 -9.04 -11.94
CA LEU A 241 12.54 -9.23 -13.34
C LEU A 241 13.37 -8.06 -13.86
N PHE A 242 13.09 -6.85 -13.39
CA PHE A 242 13.94 -5.71 -13.72
C PHE A 242 15.36 -5.91 -13.19
N PHE A 243 15.49 -6.45 -11.98
CA PHE A 243 16.80 -6.73 -11.43
C PHE A 243 17.54 -7.76 -12.28
N ARG A 244 16.83 -8.81 -12.72
CA ARG A 244 17.45 -9.81 -13.58
C ARG A 244 17.91 -9.20 -14.90
N TRP A 245 17.07 -8.34 -15.50
CA TRP A 245 17.44 -7.66 -16.73
C TRP A 245 18.65 -6.76 -16.52
N PHE A 246 18.67 -6.03 -15.40
CA PHE A 246 19.79 -5.14 -15.11
C PHE A 246 21.08 -5.93 -14.94
N LYS A 247 20.99 -7.10 -14.30
CA LYS A 247 22.16 -7.97 -14.19
C LYS A 247 22.64 -8.39 -15.57
N GLU A 248 21.71 -8.75 -16.46
CA GLU A 248 22.10 -9.08 -17.84
C GLU A 248 22.80 -7.91 -18.52
N LEU A 249 22.22 -6.72 -18.45
CA LEU A 249 22.79 -5.57 -19.15
C LEU A 249 24.15 -5.19 -18.58
N ILE A 250 24.30 -5.20 -17.25
CA ILE A 250 25.59 -4.85 -16.67
C ILE A 250 26.63 -5.93 -16.97
N GLU A 251 26.20 -7.19 -17.12
CA GLU A 251 27.14 -8.23 -17.53
C GLU A 251 27.70 -7.96 -18.91
N ILE A 252 26.85 -7.49 -19.83
CA ILE A 252 27.33 -7.14 -21.17
C ILE A 252 28.32 -5.97 -21.11
N GLU A 253 28.01 -4.97 -20.28
CA GLU A 253 28.92 -3.82 -20.15
C GLU A 253 30.25 -4.23 -19.56
N ASN A 254 30.25 -5.13 -18.58
CA ASN A 254 31.51 -5.69 -18.09
C ASN A 254 32.20 -6.51 -19.18
N SER A 255 31.43 -7.20 -20.01
CA SER A 255 32.00 -7.95 -21.12
C SER A 255 32.52 -7.04 -22.23
N ASP A 256 32.13 -5.77 -22.23
CA ASP A 256 32.63 -4.84 -23.24
C ASP A 256 34.14 -4.66 -23.10
N ASN A 257 34.63 -4.54 -21.87
CA ASN A 257 36.06 -4.42 -21.58
C ASN A 257 36.70 -3.25 -22.32
N SER A 318 26.07 0.09 -25.78
CA SER A 318 25.20 -0.27 -24.66
C SER A 318 24.48 0.96 -24.10
N LYS A 319 23.89 1.75 -25.01
CA LYS A 319 23.18 2.95 -24.61
C LYS A 319 21.84 2.64 -23.94
N THR A 320 21.39 1.38 -23.97
CA THR A 320 20.12 1.03 -23.36
C THR A 320 20.13 1.32 -21.86
N LEU A 321 21.18 0.87 -21.17
CA LEU A 321 21.25 1.09 -19.72
C LEU A 321 21.31 2.57 -19.39
N HIS A 322 22.06 3.34 -20.17
CA HIS A 322 22.14 4.78 -19.92
C HIS A 322 20.77 5.42 -20.03
N THR A 323 19.99 5.06 -21.05
CA THR A 323 18.67 5.65 -21.23
C THR A 323 17.73 5.25 -20.10
N VAL A 324 17.66 3.95 -19.79
CA VAL A 324 16.71 3.51 -18.76
C VAL A 324 17.11 4.03 -17.40
N GLU A 325 18.42 4.21 -17.14
CA GLU A 325 18.87 4.74 -15.87
C GLU A 325 18.62 6.24 -15.75
N ASP A 326 18.85 6.99 -16.84
CA ASP A 326 18.54 8.41 -16.83
C ASP A 326 17.05 8.67 -16.75
N ALA A 327 16.21 7.71 -17.16
CA ALA A 327 14.78 7.85 -16.96
C ALA A 327 14.43 7.90 -15.47
N MET A 328 15.11 7.09 -14.67
CA MET A 328 14.81 7.03 -13.24
C MET A 328 15.38 8.21 -12.47
N TYR A 329 16.57 8.68 -12.86
CA TYR A 329 17.19 9.80 -12.15
C TYR A 329 16.36 11.07 -12.28
N SER A 330 15.73 11.28 -13.44
CA SER A 330 14.96 12.51 -13.65
C SER A 330 13.82 12.63 -12.64
N PHE A 331 13.15 11.52 -12.34
CA PHE A 331 12.06 11.54 -11.38
C PHE A 331 12.55 11.68 -9.94
N LEU A 332 13.85 11.52 -9.69
CA LEU A 332 14.42 11.47 -8.36
C LEU A 332 15.24 12.72 -8.09
N PRO A 333 15.09 13.36 -6.92
CA PRO A 333 15.75 14.65 -6.64
C PRO A 333 17.14 14.50 -6.03
N GLY A 334 18.08 13.98 -6.82
CA GLY A 334 19.45 13.90 -6.36
C GLY A 334 19.99 12.49 -6.23
N PHE A 335 19.42 11.56 -6.97
CA PHE A 335 19.86 10.17 -6.95
C PHE A 335 20.79 9.92 -8.13
N SER A 336 21.77 9.05 -7.92
CA SER A 336 22.79 8.85 -8.95
C SER A 336 23.52 7.54 -8.75
N ASN A 337 24.21 7.12 -9.81
CA ASN A 337 25.22 6.06 -9.77
C ASN A 337 24.63 4.73 -9.26
N LEU A 338 23.73 4.17 -10.08
CA LEU A 338 23.22 2.83 -9.83
C LEU A 338 24.23 1.80 -10.33
N LYS A 339 24.79 1.01 -9.41
CA LYS A 339 25.67 -0.10 -9.74
C LYS A 339 25.18 -1.35 -9.00
N LEU A 340 25.88 -2.45 -9.19
CA LEU A 340 25.45 -3.75 -8.69
C LEU A 340 26.46 -4.31 -7.69
N GLN A 341 25.94 -4.88 -6.60
CA GLN A 341 26.75 -5.60 -5.63
C GLN A 341 26.76 -7.08 -5.98
N ARG A 342 27.96 -7.64 -6.10
CA ARG A 342 28.08 -9.02 -6.58
C ARG A 342 27.87 -10.04 -5.48
N ALA A 343 28.34 -9.74 -4.24
CA ALA A 343 28.27 -10.74 -3.19
C ALA A 343 26.86 -10.92 -2.65
N PRO A 344 26.17 -9.89 -2.16
CA PRO A 344 24.81 -10.10 -1.64
C PRO A 344 23.69 -9.93 -2.66
N LEU A 345 24.01 -9.52 -3.89
CA LEU A 345 23.03 -9.36 -4.95
C LEU A 345 21.95 -8.35 -4.57
N ASP A 346 22.37 -7.10 -4.38
CA ASP A 346 21.46 -5.99 -4.20
C ASP A 346 22.01 -4.77 -4.92
N LEU A 347 21.09 -3.84 -5.22
CA LEU A 347 21.40 -2.71 -6.10
C LEU A 347 21.93 -1.53 -5.30
N ILE A 348 22.95 -0.86 -5.86
CA ILE A 348 23.54 0.33 -5.26
C ILE A 348 22.85 1.56 -5.80
N VAL A 349 22.59 2.52 -4.92
CA VAL A 349 22.07 3.82 -5.30
C VAL A 349 22.71 4.88 -4.41
N ASP A 350 23.04 6.03 -4.99
CA ASP A 350 23.74 7.10 -4.29
C ASP A 350 22.82 8.32 -4.19
N LYS A 351 22.30 8.56 -3.00
CA LYS A 351 21.56 9.78 -2.69
C LYS A 351 22.48 10.75 -1.95
N ASN A 352 22.56 11.99 -2.42
CA ASN A 352 23.39 13.02 -1.82
C ASN A 352 24.85 12.58 -1.66
N ASN A 353 25.29 11.67 -2.53
CA ASN A 353 26.64 11.12 -2.53
C ASN A 353 26.98 10.38 -1.23
N VAL A 354 25.98 9.74 -0.63
CA VAL A 354 26.21 8.72 0.40
C VAL A 354 25.52 7.45 -0.11
N SER A 355 26.29 6.38 -0.25
CA SER A 355 25.84 5.20 -1.00
C SER A 355 24.95 4.33 -0.13
N LEU A 356 23.65 4.33 -0.43
CA LEU A 356 22.71 3.40 0.19
C LEU A 356 22.54 2.17 -0.70
N SER A 357 21.54 1.34 -0.39
CA SER A 357 21.18 0.18 -1.18
C SER A 357 19.70 0.27 -1.53
N VAL A 358 19.31 -0.43 -2.61
CA VAL A 358 17.97 -0.26 -3.17
C VAL A 358 16.89 -0.56 -2.14
N LEU A 359 17.14 -1.50 -1.23
CA LEU A 359 16.19 -1.74 -0.15
C LEU A 359 16.24 -0.64 0.91
N GLN A 360 17.33 0.10 0.97
CA GLN A 360 17.53 1.11 2.02
C GLN A 360 17.06 2.49 1.56
N LEU A 361 15.82 2.57 1.06
CA LEU A 361 15.19 3.85 0.76
C LEU A 361 13.83 3.89 1.43
N SER A 362 13.10 4.97 1.18
CA SER A 362 11.72 5.08 1.62
C SER A 362 10.79 4.41 0.63
N GLN A 363 9.60 4.05 1.11
CA GLN A 363 8.62 3.43 0.22
C GLN A 363 8.20 4.37 -0.89
N GLY A 364 8.21 5.68 -0.63
CA GLY A 364 7.91 6.63 -1.68
C GLY A 364 9.03 6.79 -2.69
N GLU A 365 10.27 6.55 -2.27
CA GLU A 365 11.42 6.58 -3.16
C GLU A 365 11.68 5.23 -3.82
N LYS A 366 10.91 4.21 -3.48
CA LYS A 366 11.02 2.88 -4.07
C LYS A 366 9.85 2.54 -4.98
N THR A 367 8.63 2.96 -4.62
CA THR A 367 7.47 2.72 -5.47
C THR A 367 7.64 3.39 -6.82
N ILE A 368 8.03 4.67 -6.84
CA ILE A 368 8.21 5.37 -8.10
C ILE A 368 9.41 4.84 -8.85
N LEU A 369 10.47 4.45 -8.12
CA LEU A 369 11.62 3.84 -8.79
C LEU A 369 11.19 2.59 -9.55
N ALA A 370 10.45 1.70 -8.88
CA ALA A 370 9.99 0.48 -9.54
C ALA A 370 9.06 0.79 -10.70
N LEU A 371 8.15 1.76 -10.51
CA LEU A 371 7.18 2.09 -11.56
C LEU A 371 7.87 2.61 -12.81
N ILE A 372 8.76 3.59 -12.65
CA ILE A 372 9.44 4.17 -13.80
C ILE A 372 10.38 3.16 -14.43
N ALA A 373 11.07 2.34 -13.62
CA ALA A 373 11.94 1.32 -14.18
C ALA A 373 11.13 0.32 -15.01
N ASP A 374 9.97 -0.10 -14.50
CA ASP A 374 9.13 -1.04 -15.22
C ASP A 374 8.66 -0.44 -16.54
N ILE A 375 8.14 0.79 -16.52
CA ILE A 375 7.66 1.40 -17.75
C ILE A 375 8.80 1.55 -18.75
N ALA A 376 9.97 1.99 -18.28
CA ALA A 376 11.12 2.17 -19.15
C ALA A 376 11.51 0.84 -19.79
N ARG A 377 11.52 -0.24 -19.02
CA ARG A 377 11.94 -1.53 -19.59
C ARG A 377 10.89 -2.06 -20.56
N ARG A 378 9.60 -1.86 -20.26
CA ARG A 378 8.56 -2.30 -21.20
C ARG A 378 8.67 -1.56 -22.53
N LEU A 379 8.89 -0.24 -22.49
CA LEU A 379 9.08 0.45 -23.76
C LEU A 379 10.40 0.08 -24.43
N THR A 380 11.43 -0.24 -23.65
CA THR A 380 12.71 -0.61 -24.24
C THR A 380 12.60 -1.90 -25.02
N LEU A 381 11.95 -2.92 -24.44
CA LEU A 381 11.71 -4.15 -25.18
C LEU A 381 10.69 -3.97 -26.29
N LEU A 382 9.69 -3.10 -26.09
CA LEU A 382 8.61 -2.95 -27.04
C LEU A 382 9.01 -2.17 -28.29
N ASN A 383 10.08 -1.37 -28.22
CA ASN A 383 10.57 -0.59 -29.35
C ASN A 383 12.06 -0.86 -29.47
N PRO A 384 12.43 -2.03 -30.03
CA PRO A 384 13.83 -2.47 -29.97
C PRO A 384 14.81 -1.59 -30.73
N ASN A 385 14.57 -1.37 -32.01
CA ASN A 385 15.53 -0.68 -32.87
C ASN A 385 15.30 0.82 -32.95
N SER A 386 14.33 1.35 -32.20
CA SER A 386 14.10 2.79 -32.20
C SER A 386 15.29 3.53 -31.62
N VAL A 387 15.62 4.68 -32.21
CA VAL A 387 16.72 5.49 -31.69
C VAL A 387 16.42 5.96 -30.27
N ASN A 388 15.18 6.42 -30.04
CA ASN A 388 14.71 6.77 -28.71
C ASN A 388 13.60 5.80 -28.31
N PRO A 389 13.89 4.79 -27.48
CA PRO A 389 12.87 3.79 -27.17
C PRO A 389 11.73 4.32 -26.31
N LEU A 390 11.96 5.38 -25.54
CA LEU A 390 10.92 5.89 -24.65
C LEU A 390 9.84 6.67 -25.38
N ASP A 391 10.01 6.92 -26.68
CA ASP A 391 9.01 7.65 -27.46
C ASP A 391 8.01 6.67 -28.10
N GLY A 392 7.41 5.84 -27.24
CA GLY A 392 6.45 4.85 -27.68
C GLY A 392 5.01 5.30 -27.41
N THR A 393 4.08 4.41 -27.77
CA THR A 393 2.66 4.67 -27.61
C THR A 393 2.03 3.60 -26.71
N GLY A 394 1.03 4.00 -25.95
CA GLY A 394 0.42 3.07 -25.02
C GLY A 394 -0.81 3.66 -24.36
N ILE A 395 -1.46 2.83 -23.55
CA ILE A 395 -2.68 3.19 -22.85
C ILE A 395 -2.41 2.99 -21.35
N VAL A 396 -1.18 3.32 -20.94
CA VAL A 396 -0.73 3.07 -19.57
C VAL A 396 -1.72 3.67 -18.58
N LEU A 397 -2.07 2.88 -17.57
CA LEU A 397 -2.98 3.31 -16.51
C LEU A 397 -2.26 3.21 -15.17
N ILE A 398 -2.46 4.21 -14.32
CA ILE A 398 -1.96 4.20 -12.96
C ILE A 398 -3.13 4.52 -12.02
N ASP A 399 -3.33 3.66 -11.04
CA ASP A 399 -4.34 3.88 -10.01
C ASP A 399 -3.64 4.33 -8.73
N GLU A 400 -4.14 5.42 -8.14
CA GLU A 400 -3.54 6.04 -6.96
C GLU A 400 -2.10 6.47 -7.26
N ILE A 401 -1.98 7.43 -8.17
CA ILE A 401 -0.68 8.01 -8.51
C ILE A 401 -0.09 8.73 -7.31
N ASP A 402 -0.93 9.35 -6.49
CA ASP A 402 -0.46 10.09 -5.33
C ASP A 402 0.06 9.19 -4.22
N LEU A 403 0.02 7.88 -4.41
CA LEU A 403 0.43 6.95 -3.36
C LEU A 403 1.92 7.07 -3.08
N HIS A 404 2.26 7.24 -1.80
CA HIS A 404 3.65 7.34 -1.35
C HIS A 404 4.40 8.46 -2.07
N LEU A 405 3.83 9.66 -2.03
CA LEU A 405 4.42 10.82 -2.68
C LEU A 405 4.38 12.01 -1.73
N HIS A 406 5.28 12.97 -1.97
CA HIS A 406 5.30 14.19 -1.20
C HIS A 406 4.06 15.03 -1.55
N PRO A 407 3.67 15.96 -0.68
CA PRO A 407 2.77 17.03 -1.12
C PRO A 407 3.38 17.93 -2.18
N SER A 408 4.72 17.90 -2.34
CA SER A 408 5.40 18.65 -3.38
C SER A 408 5.84 17.78 -4.55
N TRP A 409 6.13 16.50 -4.33
CA TRP A 409 6.46 15.56 -5.39
C TRP A 409 5.24 15.16 -6.20
N GLN A 410 4.04 15.40 -5.67
CA GLN A 410 2.79 15.23 -6.38
C GLN A 410 2.57 16.33 -7.41
N GLN A 411 3.58 17.19 -7.59
CA GLN A 411 3.58 18.20 -8.63
C GLN A 411 4.39 17.72 -9.83
N ASN A 412 5.65 17.34 -9.64
CA ASN A 412 6.52 16.94 -10.74
C ASN A 412 6.16 15.56 -11.29
N ILE A 413 5.28 14.83 -10.61
CA ILE A 413 4.93 13.48 -11.02
C ILE A 413 4.36 13.41 -12.43
N ILE A 414 3.52 14.36 -12.82
CA ILE A 414 2.93 14.35 -14.16
C ILE A 414 3.87 14.96 -15.20
N PRO A 415 4.45 16.15 -14.99
CA PRO A 415 5.34 16.72 -16.03
C PRO A 415 6.52 15.83 -16.38
N ARG A 416 7.10 15.12 -15.40
CA ARG A 416 8.21 14.22 -15.71
C ARG A 416 7.75 13.09 -16.63
N LEU A 417 6.57 12.54 -16.37
CA LEU A 417 5.98 11.55 -17.28
C LEU A 417 5.74 12.15 -18.65
N GLU A 418 5.26 13.39 -18.70
CA GLU A 418 4.97 14.04 -19.98
C GLU A 418 6.24 14.20 -20.81
N LYS A 419 7.31 14.68 -20.18
CA LYS A 419 8.55 14.92 -20.90
C LYS A 419 9.26 13.63 -21.28
N THR A 420 9.32 12.68 -20.34
CA THR A 420 10.00 11.41 -20.62
C THR A 420 9.20 10.53 -21.57
N PHE A 421 7.86 10.57 -21.48
CA PHE A 421 6.98 9.71 -22.27
C PHE A 421 6.02 10.63 -23.00
N LYS A 422 6.42 11.11 -24.17
CA LYS A 422 5.67 12.14 -24.88
C LYS A 422 4.51 11.60 -25.70
N ASN A 423 4.39 10.27 -25.84
CA ASN A 423 3.33 9.69 -26.65
C ASN A 423 2.61 8.58 -25.90
N ILE A 424 2.55 8.67 -24.58
CA ILE A 424 1.85 7.71 -23.74
C ILE A 424 0.64 8.39 -23.10
N GLN A 425 -0.52 7.75 -23.18
CA GLN A 425 -1.72 8.24 -22.54
C GLN A 425 -1.77 7.74 -21.10
N PHE A 426 -2.13 8.64 -20.18
CA PHE A 426 -2.11 8.35 -18.76
C PHE A 426 -3.50 8.63 -18.17
N ILE A 427 -4.33 7.60 -18.10
CA ILE A 427 -5.64 7.70 -17.47
C ILE A 427 -5.49 7.36 -16.00
N VAL A 428 -5.12 8.36 -15.19
CA VAL A 428 -4.77 8.12 -13.80
C VAL A 428 -5.90 8.54 -12.86
N THR A 429 -5.88 8.00 -11.64
CA THR A 429 -6.85 8.33 -10.61
C THR A 429 -6.13 8.81 -9.36
N THR A 430 -6.72 9.77 -8.67
CA THR A 430 -6.16 10.29 -7.43
C THR A 430 -7.25 10.99 -6.64
N HIS A 431 -6.98 11.19 -5.35
CA HIS A 431 -7.86 11.95 -4.48
C HIS A 431 -7.13 13.12 -3.81
N SER A 432 -5.89 13.39 -4.20
CA SER A 432 -5.12 14.49 -3.62
C SER A 432 -5.24 15.70 -4.51
N PRO A 433 -5.73 16.84 -4.01
CA PRO A 433 -5.83 18.04 -4.86
C PRO A 433 -4.50 18.50 -5.44
N GLN A 434 -3.39 18.20 -4.76
CA GLN A 434 -2.09 18.66 -5.23
C GLN A 434 -1.64 17.97 -6.52
N VAL A 435 -2.32 16.92 -6.94
CA VAL A 435 -1.92 16.22 -8.17
C VAL A 435 -2.42 16.95 -9.40
N CYS A 436 -3.54 17.67 -9.29
CA CYS A 436 -4.18 18.30 -10.44
C CYS A 436 -3.72 19.74 -10.67
N HIS A 437 -2.49 20.08 -10.28
CA HIS A 437 -1.94 21.39 -10.55
C HIS A 437 -1.11 21.36 -11.83
N THR A 438 -1.07 22.51 -12.51
CA THR A 438 -0.38 22.66 -13.80
C THR A 438 -0.90 21.67 -14.83
N ILE A 439 -2.17 21.30 -14.72
CA ILE A 439 -2.81 20.35 -15.62
C ILE A 439 -4.05 21.03 -16.22
N ASP A 440 -4.28 20.80 -17.51
CA ASP A 440 -5.43 21.40 -18.18
C ASP A 440 -6.72 21.02 -17.48
N SER A 441 -7.60 22.01 -17.32
CA SER A 441 -8.83 21.82 -16.55
C SER A 441 -9.86 20.96 -17.27
N GLN A 442 -9.72 20.77 -18.59
CA GLN A 442 -10.69 20.01 -19.34
C GLN A 442 -10.37 18.51 -19.40
N ASN A 443 -9.31 18.07 -18.73
CA ASN A 443 -8.97 16.65 -18.63
C ASN A 443 -9.27 16.08 -17.25
N ILE A 444 -10.00 16.81 -16.41
CA ILE A 444 -10.31 16.38 -15.06
C ILE A 444 -11.74 15.85 -15.03
N TRP A 445 -11.92 14.65 -14.48
CA TRP A 445 -13.21 13.97 -14.42
C TRP A 445 -13.55 13.71 -12.95
N LEU A 446 -14.31 14.62 -12.33
CA LEU A 446 -14.76 14.44 -10.96
C LEU A 446 -15.95 13.49 -10.97
N LEU A 447 -15.71 12.22 -10.69
CA LEU A 447 -16.77 11.22 -10.73
C LEU A 447 -17.56 11.19 -9.42
N LYS A 448 -18.02 12.35 -8.97
CA LYS A 448 -18.74 12.43 -7.71
C LYS A 448 -20.18 11.96 -7.89
N ASN A 449 -20.74 11.37 -6.83
CA ASN A 449 -22.05 10.74 -6.86
C ASN A 449 -22.10 9.60 -7.85
N GLY A 450 -22.86 9.76 -8.93
CA GLY A 450 -22.99 8.71 -9.92
C GLY A 450 -22.96 9.22 -11.35
N GLN A 451 -22.32 10.37 -11.57
CA GLN A 451 -22.22 10.97 -12.89
C GLN A 451 -20.80 11.49 -13.09
N LYS A 452 -20.61 12.30 -14.12
CA LYS A 452 -19.31 12.79 -14.54
C LYS A 452 -19.17 14.29 -14.30
N PHE A 453 -19.65 14.77 -13.15
CA PHE A 453 -19.64 16.19 -12.83
C PHE A 453 -18.27 16.79 -13.07
N LYS A 454 -18.19 17.71 -14.03
CA LYS A 454 -16.93 18.29 -14.45
C LYS A 454 -16.79 19.70 -13.91
N ALA A 455 -15.56 20.06 -13.53
CA ALA A 455 -15.24 21.39 -13.01
C ALA A 455 -14.04 21.95 -13.77
N PRO A 456 -14.23 22.33 -15.03
CA PRO A 456 -13.14 22.91 -15.82
C PRO A 456 -13.09 24.43 -15.84
N LYS A 457 -14.04 25.12 -15.21
CA LYS A 457 -14.11 26.57 -15.20
C LYS A 457 -14.13 27.14 -16.62
N GLN B 3 17.67 0.60 59.76
CA GLN B 3 16.52 1.15 59.05
C GLN B 3 16.33 2.63 59.35
N ASN B 4 17.19 3.46 58.77
CA ASN B 4 17.07 4.91 58.91
C ASN B 4 15.87 5.37 58.08
N LEU B 5 14.76 5.67 58.76
CA LEU B 5 13.52 5.99 58.08
C LEU B 5 13.27 7.50 58.12
N PRO B 6 13.40 8.21 57.01
CA PRO B 6 12.94 9.60 56.97
C PRO B 6 11.43 9.67 57.04
N SER B 7 10.93 10.88 57.33
CA SER B 7 9.49 11.10 57.29
C SER B 7 8.91 10.87 55.91
N ARG B 8 9.74 11.03 54.86
CA ARG B 8 9.28 10.74 53.51
C ARG B 8 8.95 9.26 53.34
N ILE B 9 9.68 8.37 54.02
CA ILE B 9 9.39 6.94 53.93
C ILE B 9 8.00 6.65 54.48
N THR B 10 7.68 7.22 55.65
CA THR B 10 6.35 7.00 56.23
C THR B 10 5.27 7.67 55.39
N LYS B 11 5.56 8.84 54.82
CA LYS B 11 4.58 9.51 53.95
C LYS B 11 4.28 8.65 52.73
N LEU B 12 5.32 8.10 52.09
CA LEU B 12 5.12 7.23 50.94
C LEU B 12 4.41 5.95 51.33
N ILE B 13 4.68 5.42 52.53
CA ILE B 13 3.98 4.23 52.99
C ILE B 13 2.49 4.50 53.15
N LYS B 14 2.16 5.64 53.76
CA LYS B 14 0.75 6.02 53.92
C LYS B 14 0.09 6.24 52.56
N LYS B 15 0.80 6.86 51.62
CA LYS B 15 0.25 7.04 50.28
C LYS B 15 0.01 5.70 49.61
N SER B 16 0.93 4.75 49.79
CA SER B 16 0.75 3.41 49.21
C SER B 16 -0.46 2.71 49.81
N GLU B 17 -0.67 2.86 51.12
CA GLU B 17 -1.90 2.32 51.71
C GLU B 17 -3.14 2.98 51.12
N SER B 18 -3.09 4.30 50.93
CA SER B 18 -4.20 4.97 50.26
C SER B 18 -4.34 4.55 48.81
N GLY B 19 -3.27 4.05 48.20
CA GLY B 19 -3.31 3.57 46.83
C GLY B 19 -2.51 4.42 45.86
N ASP B 20 -1.29 3.99 45.58
CA ASP B 20 -0.44 4.68 44.61
C ASP B 20 0.68 3.71 44.23
N PHE B 21 0.71 3.29 42.96
CA PHE B 21 1.73 2.34 42.53
C PHE B 21 3.13 2.96 42.61
N ALA B 22 3.24 4.26 42.32
CA ALA B 22 4.55 4.90 42.30
C ALA B 22 5.28 4.72 43.62
N SER B 23 4.59 5.02 44.73
CA SER B 23 5.21 4.86 46.05
C SER B 23 5.57 3.41 46.32
N SER B 24 4.72 2.47 45.89
CA SER B 24 4.99 1.06 46.14
C SER B 24 6.27 0.62 45.44
N TYR B 25 6.42 0.96 44.17
CA TYR B 25 7.62 0.56 43.43
C TYR B 25 8.86 1.29 43.96
N GLN B 26 8.71 2.57 44.30
CA GLN B 26 9.83 3.29 44.89
C GLN B 26 10.30 2.64 46.18
N LEU B 27 9.36 2.24 47.04
CA LEU B 27 9.74 1.58 48.28
C LEU B 27 10.33 0.20 48.03
N TYR B 28 9.82 -0.51 47.03
CA TYR B 28 10.38 -1.82 46.70
C TYR B 28 11.82 -1.69 46.24
N LYS B 29 12.16 -0.58 45.57
CA LYS B 29 13.57 -0.29 45.30
C LYS B 29 14.30 0.13 46.57
N VAL B 30 13.67 0.93 47.42
CA VAL B 30 14.33 1.46 48.62
C VAL B 30 14.79 0.32 49.52
N PHE B 31 13.84 -0.48 50.02
CA PHE B 31 14.21 -1.65 50.81
C PHE B 31 14.92 -2.65 49.91
N GLY B 32 16.12 -3.05 50.33
CA GLY B 32 17.01 -3.81 49.47
C GLY B 32 18.06 -2.98 48.77
N SER B 33 18.12 -1.67 49.04
CA SER B 33 19.11 -0.79 48.44
C SER B 33 19.51 0.25 49.49
N LYS B 34 20.22 1.28 49.05
CA LYS B 34 20.73 2.32 49.93
C LYS B 34 19.91 3.61 49.87
N GLU B 35 18.78 3.60 49.17
CA GLU B 35 17.94 4.78 49.09
C GLU B 35 17.41 5.13 50.48
N TYR B 36 17.77 6.31 50.97
CA TYR B 36 17.51 6.71 52.36
C TYR B 36 18.03 5.67 53.34
N GLY B 37 19.21 5.14 53.06
CA GLY B 37 19.83 4.13 53.89
C GLY B 37 19.05 2.84 53.96
N VAL B 38 18.48 2.56 55.13
CA VAL B 38 17.60 1.41 55.36
C VAL B 38 18.38 0.09 55.19
N GLU B 39 18.95 -0.11 53.99
CA GLU B 39 19.69 -1.32 53.63
C GLU B 39 18.74 -2.52 53.53
N PRO B 40 19.13 -3.61 52.85
CA PRO B 40 18.22 -4.76 52.70
C PRO B 40 17.63 -5.24 54.02
N ASP B 41 16.31 -5.09 54.17
CA ASP B 41 15.60 -5.51 55.37
C ASP B 41 14.90 -6.85 55.16
N GLU B 42 14.02 -6.93 54.16
CA GLU B 42 13.33 -8.18 53.86
C GLU B 42 14.14 -9.00 52.86
N LYS B 43 13.79 -10.28 52.76
CA LYS B 43 14.46 -11.15 51.79
C LYS B 43 14.18 -10.69 50.36
N MET B 44 12.91 -10.52 50.01
CA MET B 44 12.51 -9.96 48.72
C MET B 44 11.02 -9.64 48.71
N SER B 45 10.68 -8.41 48.31
CA SER B 45 9.30 -7.98 48.09
C SER B 45 8.38 -8.39 49.25
N ASP B 46 8.66 -7.82 50.42
CA ASP B 46 7.89 -8.16 51.62
C ASP B 46 6.41 -7.88 51.44
N TYR B 47 6.04 -6.60 51.32
CA TYR B 47 4.69 -6.23 50.96
C TYR B 47 4.67 -4.99 50.08
N PHE B 48 5.69 -4.82 49.24
CA PHE B 48 5.81 -3.63 48.42
C PHE B 48 5.61 -3.92 46.94
N LYS B 49 6.41 -4.80 46.34
CA LYS B 49 6.20 -5.15 44.94
C LYS B 49 4.90 -5.94 44.76
N GLU B 50 4.59 -6.83 45.71
CA GLU B 50 3.33 -7.55 45.66
C GLU B 50 2.14 -6.59 45.81
N LEU B 51 2.27 -5.62 46.71
CA LEU B 51 1.20 -4.63 46.87
C LEU B 51 1.04 -3.79 45.61
N SER B 52 2.15 -3.46 44.95
CA SER B 52 2.07 -2.75 43.68
C SER B 52 1.36 -3.59 42.62
N ALA B 53 1.70 -4.88 42.54
CA ALA B 53 1.04 -5.77 41.60
C ALA B 53 -0.46 -5.86 41.88
N LYS B 54 -0.83 -5.88 43.16
CA LYS B 54 -2.25 -5.83 43.51
C LYS B 54 -2.88 -4.52 43.07
N GLN B 55 -2.21 -3.40 43.33
CA GLN B 55 -2.68 -2.09 42.89
C GLN B 55 -2.06 -1.72 41.54
N LEU B 56 -2.12 -2.67 40.61
CA LEU B 56 -1.72 -2.49 39.21
C LEU B 56 -2.98 -2.47 38.35
N GLU B 57 -3.56 -1.28 38.19
CA GLU B 57 -4.72 -1.11 37.33
C GLU B 57 -4.82 0.34 36.92
N GLY B 58 -5.13 0.58 35.65
CA GLY B 58 -5.25 1.92 35.13
C GLY B 58 -3.96 2.54 34.65
N GLY B 59 -2.83 1.86 34.79
CA GLY B 59 -1.57 2.41 34.33
C GLY B 59 -1.45 2.29 32.82
N GLN B 60 -0.84 3.31 32.22
CA GLN B 60 -0.65 3.38 30.78
C GLN B 60 0.80 3.11 30.44
N LEU B 61 1.04 2.17 29.53
CA LEU B 61 2.39 1.88 29.04
C LEU B 61 2.64 2.83 27.87
N ARG B 62 3.30 3.94 28.15
CA ARG B 62 3.49 5.00 27.16
C ARG B 62 4.97 5.36 27.10
N VAL B 63 5.50 5.44 25.87
CA VAL B 63 6.87 5.89 25.68
C VAL B 63 6.95 7.39 25.90
N ALA B 64 8.02 7.84 26.54
CA ALA B 64 8.19 9.24 26.90
C ALA B 64 9.40 9.91 26.26
N ASP B 65 10.47 9.17 26.01
CA ASP B 65 11.70 9.75 25.48
C ASP B 65 12.45 8.69 24.71
N ILE B 66 12.83 9.01 23.47
CA ILE B 66 13.62 8.12 22.65
C ILE B 66 14.87 8.85 22.18
N HIS B 67 15.91 8.07 21.88
CA HIS B 67 17.21 8.62 21.52
C HIS B 67 17.83 7.72 20.46
N LEU B 68 18.09 8.27 19.29
CA LEU B 68 18.74 7.55 18.20
C LEU B 68 20.18 8.05 18.06
N GLU B 69 21.11 7.12 17.97
CA GLU B 69 22.54 7.44 17.86
C GLU B 69 23.11 6.56 16.76
N ASN B 70 23.30 7.13 15.58
CA ASN B 70 23.83 6.42 14.41
C ASN B 70 22.96 5.21 14.05
N TYR B 71 21.65 5.42 14.01
CA TYR B 71 20.71 4.45 13.49
C TYR B 71 20.16 4.96 12.17
N LYS B 72 20.06 4.06 11.18
CA LYS B 72 19.59 4.40 9.83
C LYS B 72 20.51 5.50 9.29
N GLY B 73 19.99 6.59 8.76
CA GLY B 73 20.80 7.67 8.24
C GLY B 73 21.10 8.79 9.19
N PHE B 74 20.74 8.66 10.46
CA PHE B 74 20.91 9.76 11.42
C PHE B 74 22.27 9.67 12.11
N GLU B 75 22.67 10.80 12.70
CA GLU B 75 23.83 10.87 13.58
C GLU B 75 23.46 10.98 15.04
N SER B 76 22.38 11.69 15.35
CA SER B 76 21.89 11.86 16.71
C SER B 76 20.49 12.43 16.64
N LEU B 77 19.62 12.00 17.56
CA LEU B 77 18.26 12.48 17.60
C LEU B 77 17.70 12.26 18.99
N ILE B 78 17.03 13.28 19.53
CA ILE B 78 16.45 13.23 20.88
C ILE B 78 15.01 13.70 20.75
N MET B 79 14.07 12.76 20.72
CA MET B 79 12.66 13.07 20.63
C MET B 79 12.04 13.12 22.03
N ASP B 80 11.02 13.97 22.18
CA ASP B 80 10.34 14.17 23.45
C ASP B 80 8.84 14.10 23.22
N PHE B 81 8.21 13.03 23.70
CA PHE B 81 6.76 12.90 23.64
C PHE B 81 6.15 13.56 24.88
N SER B 82 4.86 13.35 25.12
CA SER B 82 4.21 13.93 26.28
C SER B 82 3.09 13.02 26.76
N MET B 83 2.78 13.13 28.05
CA MET B 83 1.78 12.29 28.70
C MET B 83 0.36 12.85 28.56
N LYS B 84 0.18 14.16 28.73
CA LYS B 84 -1.15 14.74 28.70
C LYS B 84 -1.78 14.71 27.32
N LYS B 85 -1.00 14.42 26.28
CA LYS B 85 -1.50 14.31 24.91
C LYS B 85 -1.27 12.89 24.40
N ASN B 86 -2.36 12.22 24.04
CA ASN B 86 -2.31 10.84 23.56
C ASN B 86 -2.28 10.80 22.03
N SER B 87 -1.37 11.57 21.42
CA SER B 87 -1.26 11.60 19.96
C SER B 87 0.03 12.26 19.52
N THR B 88 0.81 11.57 18.70
CA THR B 88 2.03 12.12 18.13
C THR B 88 1.98 11.93 16.61
N ILE B 89 2.15 13.03 15.88
CA ILE B 89 2.11 13.02 14.43
C ILE B 89 3.47 13.49 13.92
N LEU B 90 4.10 12.66 13.08
CA LEU B 90 5.40 12.96 12.51
C LEU B 90 5.22 13.26 11.03
N VAL B 91 5.38 14.52 10.65
CA VAL B 91 5.22 14.96 9.27
C VAL B 91 6.57 15.38 8.72
N GLY B 92 6.83 15.01 7.47
CA GLY B 92 8.07 15.38 6.81
C GLY B 92 8.04 15.00 5.34
N ASN B 93 9.14 14.46 4.85
CA ASN B 93 9.22 14.01 3.47
C ASN B 93 9.99 12.69 3.42
N ASN B 94 10.05 12.10 2.24
CA ASN B 94 10.86 10.92 2.03
C ASN B 94 12.34 11.32 2.01
N GLY B 95 13.07 10.90 3.03
CA GLY B 95 14.46 11.30 3.18
C GLY B 95 14.76 11.77 4.59
N CYS B 96 13.79 12.45 5.20
CA CYS B 96 13.85 12.79 6.62
C CYS B 96 13.04 11.74 7.36
N GLY B 97 13.73 10.91 8.13
CA GLY B 97 13.14 9.68 8.63
C GLY B 97 12.20 9.81 9.82
N LYS B 98 10.91 9.58 9.58
CA LYS B 98 9.97 9.27 10.63
C LYS B 98 9.67 7.78 10.72
N SER B 99 9.85 7.04 9.61
CA SER B 99 9.88 5.59 9.66
C SER B 99 11.03 5.11 10.53
N THR B 100 12.19 5.77 10.48
CA THR B 100 13.26 5.40 11.40
C THR B 100 13.00 5.86 12.82
N ILE B 101 11.81 6.37 13.12
CA ILE B 101 11.39 6.63 14.49
C ILE B 101 10.39 5.56 14.89
N LEU B 102 9.37 5.33 14.05
CA LEU B 102 8.38 4.31 14.36
C LEU B 102 9.01 2.92 14.40
N ASP B 103 9.77 2.57 13.37
CA ASP B 103 10.44 1.28 13.28
C ASP B 103 11.73 1.24 14.07
N ALA B 104 12.03 2.29 14.83
CA ALA B 104 13.07 2.28 15.84
C ALA B 104 12.48 2.08 17.23
N ILE B 105 11.23 2.48 17.43
CA ILE B 105 10.51 2.14 18.65
C ILE B 105 9.98 0.71 18.62
N GLN B 106 9.61 0.19 17.44
CA GLN B 106 9.14 -1.19 17.38
C GLN B 106 10.21 -2.20 17.82
N LYS B 107 11.49 -1.87 17.67
CA LYS B 107 12.55 -2.76 18.15
C LYS B 107 12.47 -2.96 19.65
N GLY B 108 12.39 -1.86 20.40
CA GLY B 108 12.23 -1.97 21.84
C GLY B 108 10.89 -2.57 22.24
N LEU B 109 9.84 -2.26 21.47
CA LEU B 109 8.55 -2.86 21.76
C LEU B 109 8.54 -4.37 21.57
N THR B 110 9.38 -4.90 20.68
CA THR B 110 9.50 -6.35 20.54
C THR B 110 10.10 -6.97 21.80
N HIS B 111 11.16 -6.36 22.34
CA HIS B 111 11.74 -6.85 23.59
C HIS B 111 10.76 -6.72 24.75
N LEU B 112 9.96 -5.66 24.78
CA LEU B 112 8.92 -5.58 25.81
C LEU B 112 7.85 -6.65 25.62
N SER B 113 7.50 -6.95 24.37
CA SER B 113 6.52 -8.01 24.10
C SER B 113 7.05 -9.36 24.57
N SER B 114 8.35 -9.59 24.41
CA SER B 114 8.93 -10.87 24.80
C SER B 114 9.21 -10.95 26.30
N ARG B 115 8.60 -10.06 27.08
CA ARG B 115 8.60 -10.21 28.54
C ARG B 115 7.20 -10.02 29.09
N LEU B 116 6.36 -9.29 28.34
CA LEU B 116 5.07 -8.91 28.87
C LEU B 116 4.16 -10.12 29.01
N SER B 117 3.85 -10.81 27.91
CA SER B 117 3.30 -12.14 28.00
C SER B 117 3.67 -12.99 26.79
N THR B 118 4.80 -13.69 26.88
CA THR B 118 5.25 -14.60 25.82
C THR B 118 6.42 -15.38 26.35
N ARG B 119 7.29 -15.86 25.47
CA ARG B 119 8.53 -16.53 25.94
C ARG B 119 9.63 -15.46 26.01
N SER B 120 10.52 -15.53 27.01
CA SER B 120 11.56 -14.47 27.17
C SER B 120 12.66 -14.66 26.13
N HIS B 121 12.73 -13.77 25.12
CA HIS B 121 13.73 -13.95 24.03
C HIS B 121 13.93 -12.62 23.28
N ASN B 122 15.19 -12.35 22.90
CA ASN B 122 15.50 -11.11 22.20
C ASN B 122 14.91 -11.18 20.78
N GLY B 123 14.00 -10.26 20.48
CA GLY B 123 13.33 -10.27 19.20
C GLY B 123 14.16 -9.71 18.07
N ASP B 124 14.50 -8.43 18.14
CA ASP B 124 15.27 -7.76 17.10
C ASP B 124 16.38 -6.93 17.72
N GLY B 125 17.48 -6.82 16.98
CA GLY B 125 18.59 -5.96 17.36
C GLY B 125 19.02 -5.10 16.19
N ILE B 126 20.05 -4.29 16.45
CA ILE B 126 20.58 -3.42 15.41
C ILE B 126 21.40 -4.25 14.44
N GLU B 127 21.09 -4.13 13.15
CA GLU B 127 21.70 -4.93 12.11
C GLU B 127 22.66 -4.10 11.27
N LYS B 128 23.50 -4.81 10.51
CA LYS B 128 24.53 -4.13 9.71
C LYS B 128 23.92 -3.27 8.63
N HIS B 129 22.74 -3.61 8.14
CA HIS B 129 22.03 -2.79 7.17
C HIS B 129 21.37 -1.57 7.80
N GLU B 130 21.61 -1.33 9.09
CA GLU B 130 21.01 -0.22 9.81
C GLU B 130 22.01 0.85 10.24
N LEU B 131 23.31 0.58 10.18
CA LEU B 131 24.31 1.59 10.49
C LEU B 131 24.39 2.62 9.37
N ARG B 132 24.97 3.79 9.67
CA ARG B 132 24.95 4.90 8.72
C ARG B 132 26.13 4.82 7.73
N LYS B 133 26.34 3.62 7.21
CA LYS B 133 27.37 3.39 6.21
C LYS B 133 28.70 4.06 6.57
N GLY B 134 29.36 3.61 7.63
CA GLY B 134 30.62 4.21 7.99
C GLY B 134 30.93 4.39 9.47
N GLN B 135 29.93 4.50 10.33
CA GLN B 135 30.19 4.48 11.75
C GLN B 135 30.30 3.06 12.28
N ASN B 136 30.73 2.95 13.53
CA ASN B 136 30.93 1.68 14.20
C ASN B 136 30.05 1.47 15.41
N TYR B 137 29.53 2.53 16.01
CA TYR B 137 28.67 2.43 17.18
C TYR B 137 27.27 2.92 16.83
N ALA B 138 26.26 2.17 17.27
CA ALA B 138 24.86 2.55 17.10
C ALA B 138 24.13 2.34 18.42
N SER B 139 23.06 3.10 18.61
CA SER B 139 22.34 3.04 19.88
C SER B 139 20.94 3.60 19.70
N ILE B 140 19.94 2.86 20.18
CA ILE B 140 18.58 3.35 20.33
C ILE B 140 18.18 3.19 21.79
N ALA B 141 17.73 4.29 22.39
CA ALA B 141 17.32 4.30 23.80
C ALA B 141 15.85 4.68 23.90
N ILE B 142 15.11 3.92 24.71
CA ILE B 142 13.68 4.14 24.89
C ILE B 142 13.38 4.19 26.38
N ASN B 143 12.57 5.15 26.80
CA ASN B 143 12.23 5.35 28.20
C ASN B 143 10.73 5.18 28.37
N TYR B 144 10.30 3.96 28.67
CA TYR B 144 8.90 3.71 28.99
C TYR B 144 8.54 4.34 30.32
N ASP B 145 7.31 4.84 30.41
CA ASP B 145 6.82 5.50 31.62
C ASP B 145 5.50 4.85 32.02
N TYR B 146 5.54 4.00 33.04
CA TYR B 146 4.34 3.35 33.57
C TYR B 146 4.09 3.91 34.96
N MET B 147 2.93 4.54 35.14
CA MET B 147 2.50 5.13 36.40
C MET B 147 3.48 6.21 36.88
N GLY B 148 4.25 6.79 35.96
CA GLY B 148 5.15 7.88 36.30
C GLY B 148 6.52 7.47 36.76
N ILE B 149 6.95 6.24 36.48
CA ILE B 149 8.29 5.77 36.82
C ILE B 149 9.00 5.36 35.54
N ARG B 150 10.22 5.86 35.36
CA ARG B 150 10.95 5.62 34.11
C ARG B 150 11.44 4.18 34.04
N PHE B 151 11.85 3.77 32.84
CA PHE B 151 12.35 2.43 32.61
C PHE B 151 13.39 2.46 31.50
N PRO B 152 14.67 2.35 31.84
CA PRO B 152 15.71 2.51 30.83
C PRO B 152 15.73 1.36 29.82
N MET B 153 16.15 1.69 28.60
CA MET B 153 16.39 0.71 27.55
C MET B 153 17.61 1.12 26.75
N ILE B 154 18.50 0.17 26.51
CA ILE B 154 19.67 0.37 25.66
C ILE B 154 19.74 -0.81 24.70
N ILE B 155 19.49 -0.57 23.43
CA ILE B 155 19.62 -1.59 22.40
C ILE B 155 20.90 -1.35 21.59
N ALA B 156 21.86 -0.65 22.17
CA ALA B 156 23.08 -0.30 21.45
C ALA B 156 23.84 -1.53 21.02
N THR B 157 24.31 -1.52 19.78
CA THR B 157 25.09 -2.61 19.21
C THR B 157 26.57 -2.23 19.22
N THR B 158 27.38 -3.07 18.57
CA THR B 158 28.81 -2.81 18.48
C THR B 158 29.33 -3.38 17.17
N GLU B 159 30.52 -2.94 16.78
CA GLU B 159 31.22 -3.46 15.63
C GLU B 159 32.57 -3.97 16.10
N PRO B 160 33.08 -5.06 15.53
CA PRO B 160 34.30 -5.68 16.06
C PRO B 160 35.44 -4.69 16.23
N GLY B 161 36.09 -4.75 17.39
CA GLY B 161 37.19 -3.86 17.73
C GLY B 161 36.79 -2.60 18.46
N TYR B 162 35.50 -2.37 18.69
CA TYR B 162 35.02 -1.15 19.33
C TYR B 162 33.96 -1.47 20.37
N GLU B 163 34.23 -2.49 21.19
CA GLU B 163 33.37 -2.84 22.32
C GLU B 163 33.96 -2.21 23.58
N ASP B 164 33.73 -0.91 23.72
CA ASP B 164 34.23 -0.17 24.88
C ASP B 164 33.22 0.78 25.50
N ARG B 165 32.20 1.24 24.77
CA ARG B 165 31.26 2.20 25.32
C ARG B 165 29.82 1.93 24.90
N ALA B 166 29.53 0.82 24.24
CA ALA B 166 28.17 0.48 23.83
C ALA B 166 27.85 -0.92 24.34
N LYS B 167 26.78 -1.03 25.12
CA LYS B 167 26.36 -2.31 25.67
C LYS B 167 24.86 -2.26 25.97
N SER B 168 24.17 -3.35 25.67
CA SER B 168 22.74 -3.43 25.90
C SER B 168 22.45 -3.49 27.40
N ASN B 169 21.34 -2.88 27.80
CA ASN B 169 20.92 -2.85 29.20
C ASN B 169 19.40 -2.95 29.27
N TYR B 170 18.90 -4.17 29.48
CA TYR B 170 17.47 -4.41 29.66
C TYR B 170 17.13 -4.45 31.15
N SER B 171 17.37 -3.32 31.82
CA SER B 171 17.18 -3.24 33.26
C SER B 171 15.81 -2.70 33.67
N GLY B 172 14.99 -2.25 32.72
CA GLY B 172 13.69 -1.73 33.05
C GLY B 172 12.56 -2.66 32.64
N ILE B 173 12.71 -3.28 31.46
CA ILE B 173 11.72 -4.24 31.00
C ILE B 173 11.86 -5.60 31.66
N ASN B 174 12.94 -5.85 32.39
CA ASN B 174 13.02 -7.02 33.24
C ASN B 174 12.13 -6.90 34.47
N GLU B 175 11.68 -5.69 34.80
CA GLU B 175 10.76 -5.46 35.90
C GLU B 175 9.37 -5.05 35.46
N LEU B 176 9.26 -4.34 34.34
CA LEU B 176 7.95 -3.91 33.86
C LEU B 176 7.07 -5.10 33.52
N GLY B 177 7.67 -6.21 33.09
CA GLY B 177 6.93 -7.43 32.83
C GLY B 177 6.81 -8.31 34.07
N SER B 178 7.81 -8.25 34.95
CA SER B 178 7.75 -9.03 36.18
C SER B 178 6.60 -8.56 37.06
N ILE B 179 6.37 -7.24 37.11
CA ILE B 179 5.24 -6.71 37.86
C ILE B 179 3.93 -7.26 37.29
N PHE B 180 3.82 -7.32 35.97
CA PHE B 180 2.58 -7.82 35.36
C PHE B 180 2.40 -9.31 35.65
N LYS B 181 3.49 -10.08 35.63
CA LYS B 181 3.39 -11.50 35.98
C LYS B 181 2.94 -11.67 37.42
N THR B 182 3.48 -10.86 38.33
CA THR B 182 3.05 -10.95 39.73
C THR B 182 1.57 -10.57 39.87
N ALA B 183 1.14 -9.54 39.14
CA ALA B 183 -0.28 -9.15 39.17
C ALA B 183 -1.17 -10.26 38.65
N HIS B 184 -0.73 -10.93 37.57
CA HIS B 184 -1.50 -12.06 37.04
C HIS B 184 -1.54 -13.22 38.02
N SER B 185 -0.47 -13.40 38.79
CA SER B 185 -0.50 -14.41 39.86
C SER B 185 -1.51 -14.03 40.93
N ILE B 186 -1.60 -12.74 41.26
CA ILE B 186 -2.59 -12.30 42.26
C ILE B 186 -4.01 -12.54 41.76
N ASN B 187 -4.31 -12.09 40.55
CA ASN B 187 -5.63 -12.27 39.96
C ASN B 187 -5.52 -12.61 38.48
N PRO B 188 -6.44 -13.41 37.96
CA PRO B 188 -6.31 -13.87 36.56
C PRO B 188 -6.92 -12.91 35.55
N ASN B 189 -7.77 -11.99 36.01
CA ASN B 189 -8.50 -11.08 35.12
C ASN B 189 -7.89 -9.68 35.10
N VAL B 190 -6.57 -9.58 35.17
CA VAL B 190 -5.89 -8.30 35.07
C VAL B 190 -5.72 -7.93 33.60
N SER B 191 -5.69 -6.64 33.30
CA SER B 191 -5.62 -6.15 31.94
C SER B 191 -4.19 -5.81 31.58
N PHE B 192 -3.66 -6.49 30.53
CA PHE B 192 -2.32 -6.16 30.02
C PHE B 192 -2.42 -5.09 28.92
N PRO B 193 -1.36 -4.30 28.75
CA PRO B 193 -1.37 -3.27 27.70
C PRO B 193 -1.23 -3.89 26.32
N LEU B 194 -1.47 -3.06 25.31
CA LEU B 194 -1.41 -3.47 23.92
C LEU B 194 -0.13 -2.93 23.28
N ILE B 195 0.64 -3.81 22.67
CA ILE B 195 1.82 -3.45 21.90
C ILE B 195 1.54 -3.79 20.44
N ALA B 196 1.57 -2.78 19.57
CA ALA B 196 1.14 -3.01 18.19
C ALA B 196 1.78 -2.00 17.27
N MET B 197 2.23 -2.46 16.10
CA MET B 197 2.67 -1.62 15.00
C MET B 197 1.93 -2.01 13.73
N TYR B 198 1.58 -1.01 12.93
CA TYR B 198 0.84 -1.20 11.68
C TYR B 198 1.58 -0.44 10.58
N THR B 199 2.25 -1.18 9.70
CA THR B 199 3.08 -0.61 8.66
C THR B 199 2.24 -0.32 7.41
N VAL B 200 2.91 -0.05 6.30
CA VAL B 200 2.24 0.22 5.04
C VAL B 200 1.43 -0.99 4.55
N GLU B 201 1.77 -2.18 5.01
CA GLU B 201 1.18 -3.42 4.51
C GLU B 201 -0.10 -3.81 5.24
N ARG B 202 -0.84 -2.82 5.76
CA ARG B 202 -2.10 -3.12 6.43
C ARG B 202 -3.11 -3.75 5.49
N ALA B 203 -3.22 -3.20 4.27
CA ALA B 203 -4.25 -3.64 3.34
C ALA B 203 -3.95 -5.00 2.73
N ASN B 204 -2.71 -5.47 2.82
CA ASN B 204 -2.36 -6.77 2.25
C ASN B 204 -3.06 -7.89 3.01
N ASP B 205 -3.59 -8.85 2.25
CA ASP B 205 -4.26 -10.03 2.80
C ASP B 205 -5.48 -9.63 3.64
N VAL B 206 -6.39 -8.87 3.03
CA VAL B 206 -7.68 -8.53 3.63
C VAL B 206 -8.74 -8.96 2.62
N SER B 207 -9.21 -10.20 2.75
CA SER B 207 -10.21 -10.76 1.85
C SER B 207 -10.62 -12.13 2.36
N THR B 208 -11.87 -12.50 2.10
CA THR B 208 -12.36 -13.84 2.40
C THR B 208 -12.26 -14.74 1.17
N ARG B 209 -11.02 -14.85 0.66
CA ARG B 209 -10.79 -15.61 -0.57
C ARG B 209 -11.13 -17.08 -0.37
N ASP B 210 -10.40 -17.76 0.51
CA ASP B 210 -10.65 -19.17 0.79
C ASP B 210 -10.53 -19.46 2.27
N ILE B 211 -10.78 -18.46 3.12
CA ILE B 211 -10.70 -18.65 4.57
C ILE B 211 -11.86 -19.44 5.12
N GLU B 212 -12.86 -19.75 4.30
CA GLU B 212 -13.86 -20.75 4.62
C GLU B 212 -13.40 -22.16 4.25
N ASN B 213 -12.12 -22.32 3.96
CA ASN B 213 -11.53 -23.59 3.54
C ASN B 213 -10.10 -23.61 4.07
N SER B 214 -9.27 -24.50 3.52
CA SER B 214 -7.91 -24.67 4.00
C SER B 214 -7.09 -23.40 3.80
N GLU B 215 -6.84 -22.67 4.89
CA GLU B 215 -6.04 -21.44 4.81
C GLU B 215 -5.11 -21.32 6.02
N GLU B 216 -4.91 -22.41 6.78
CA GLU B 216 -4.04 -22.56 7.95
C GLU B 216 -4.68 -22.02 9.23
N ILE B 217 -5.90 -21.46 9.16
CA ILE B 217 -6.63 -21.11 10.38
C ILE B 217 -7.54 -22.25 10.83
N LYS B 218 -7.63 -23.33 10.05
CA LYS B 218 -8.46 -24.48 10.42
C LYS B 218 -8.04 -25.09 11.75
N GLU B 219 -6.79 -24.89 12.16
CA GLU B 219 -6.32 -25.42 13.44
C GLU B 219 -7.08 -24.78 14.59
N ALA B 220 -7.26 -25.55 15.67
CA ALA B 220 -7.95 -25.06 16.85
C ALA B 220 -7.20 -23.87 17.46
N GLN B 221 -7.94 -22.94 18.03
CA GLN B 221 -7.40 -21.68 18.50
C GLN B 221 -7.70 -21.52 19.99
N ILE B 222 -6.72 -21.02 20.74
CA ILE B 222 -6.86 -20.77 22.17
C ILE B 222 -7.05 -19.27 22.36
N TRP B 223 -8.23 -18.88 22.81
CA TRP B 223 -8.58 -17.47 22.92
C TRP B 223 -8.33 -16.97 24.35
N ASP B 224 -7.05 -16.85 24.67
CA ASP B 224 -6.60 -16.37 25.97
C ASP B 224 -6.07 -14.95 25.84
N LYS B 225 -5.59 -14.41 26.97
CA LYS B 225 -5.01 -13.07 26.95
C LYS B 225 -3.69 -13.02 26.19
N PHE B 226 -2.96 -14.13 26.15
CA PHE B 226 -1.66 -14.18 25.51
C PHE B 226 -1.75 -14.26 23.99
N LYS B 227 -2.94 -14.58 23.45
CA LYS B 227 -3.09 -14.72 22.01
C LYS B 227 -2.94 -13.38 21.31
N ALA B 228 -3.48 -12.31 21.89
CA ALA B 228 -3.45 -11.01 21.25
C ALA B 228 -2.05 -10.45 21.07
N TYR B 229 -1.05 -11.04 21.74
CA TYR B 229 0.33 -10.61 21.58
C TYR B 229 1.04 -11.31 20.44
N ASN B 230 0.42 -12.32 19.85
CA ASN B 230 1.04 -13.06 18.75
C ASN B 230 0.82 -12.32 17.44
N LYS B 231 1.91 -12.15 16.68
CA LYS B 231 1.88 -11.42 15.42
C LYS B 231 1.26 -10.04 15.58
N SER B 232 1.90 -9.19 16.37
CA SER B 232 1.39 -7.85 16.61
C SER B 232 2.29 -6.79 15.99
N LEU B 233 3.60 -7.05 15.94
CA LEU B 233 4.58 -6.10 15.43
C LEU B 233 5.08 -6.47 14.04
N THR B 234 4.29 -7.19 13.26
CA THR B 234 4.61 -7.47 11.87
C THR B 234 4.04 -6.42 10.91
N GLY B 235 3.09 -5.60 11.37
CA GLY B 235 2.54 -4.53 10.56
C GLY B 235 1.44 -4.94 9.62
N LYS B 236 0.94 -6.17 9.70
CA LYS B 236 -0.11 -6.67 8.83
C LYS B 236 -1.39 -6.85 9.63
N ALA B 237 -2.45 -6.17 9.22
CA ALA B 237 -3.74 -6.33 9.88
C ALA B 237 -4.32 -7.70 9.55
N ASP B 238 -4.85 -8.37 10.58
CA ASP B 238 -5.36 -9.73 10.46
C ASP B 238 -6.89 -9.69 10.41
N PHE B 239 -7.44 -9.60 9.22
CA PHE B 239 -8.89 -9.73 9.03
C PHE B 239 -9.33 -11.18 8.91
N LYS B 240 -8.47 -12.07 8.41
CA LYS B 240 -8.82 -13.48 8.30
C LYS B 240 -9.08 -14.08 9.68
N LEU B 241 -8.19 -13.78 10.63
CA LEU B 241 -8.43 -14.18 12.01
C LEU B 241 -9.62 -13.44 12.63
N PHE B 242 -9.86 -12.20 12.22
CA PHE B 242 -11.10 -11.55 12.64
C PHE B 242 -12.31 -12.30 12.10
N PHE B 243 -12.22 -12.81 10.87
CA PHE B 243 -13.31 -13.61 10.34
C PHE B 243 -13.53 -14.85 11.18
N ARG B 244 -12.44 -15.53 11.57
CA ARG B 244 -12.59 -16.70 12.43
C ARG B 244 -13.27 -16.34 13.75
N TRP B 245 -12.82 -15.25 14.38
CA TRP B 245 -13.40 -14.81 15.65
C TRP B 245 -14.87 -14.44 15.45
N PHE B 246 -15.20 -13.78 14.35
CA PHE B 246 -16.56 -13.33 14.11
C PHE B 246 -17.48 -14.53 13.92
N LYS B 247 -17.04 -15.54 13.15
CA LYS B 247 -17.80 -16.77 13.03
C LYS B 247 -18.06 -17.37 14.39
N GLU B 248 -17.00 -17.51 15.21
CA GLU B 248 -17.16 -18.20 16.48
C GLU B 248 -18.12 -17.46 17.41
N LEU B 249 -17.97 -16.13 17.51
CA LEU B 249 -18.85 -15.37 18.39
C LEU B 249 -20.31 -15.42 17.93
N ILE B 250 -20.56 -15.29 16.61
CA ILE B 250 -21.96 -15.35 16.19
C ILE B 250 -22.52 -16.76 16.32
N GLU B 251 -21.69 -17.78 16.11
CA GLU B 251 -22.15 -19.16 16.31
C GLU B 251 -22.55 -19.39 17.76
N ILE B 252 -21.75 -18.89 18.71
CA ILE B 252 -22.15 -18.99 20.11
C ILE B 252 -23.39 -18.15 20.38
N GLU B 253 -23.54 -17.03 19.68
CA GLU B 253 -24.69 -16.15 19.90
C GLU B 253 -26.01 -16.84 19.59
N ASN B 254 -26.02 -17.73 18.61
CA ASN B 254 -27.24 -18.46 18.24
C ASN B 254 -27.74 -19.33 19.38
N SER B 315 -25.79 -12.75 26.94
CA SER B 315 -25.51 -11.36 26.61
C SER B 315 -24.00 -11.09 26.65
N VAL B 316 -23.31 -11.75 27.58
CA VAL B 316 -21.87 -11.57 27.70
C VAL B 316 -21.15 -12.13 26.47
N ASN B 317 -21.66 -13.23 25.89
CA ASN B 317 -21.06 -13.81 24.70
C ASN B 317 -21.47 -13.10 23.41
N SER B 318 -22.40 -12.15 23.49
CA SER B 318 -22.86 -11.42 22.32
C SER B 318 -22.45 -9.96 22.30
N LYS B 319 -22.31 -9.32 23.46
CA LYS B 319 -21.99 -7.90 23.51
C LYS B 319 -20.62 -7.60 22.90
N THR B 320 -19.71 -8.57 22.88
CA THR B 320 -18.38 -8.34 22.33
C THR B 320 -18.45 -7.98 20.85
N LEU B 321 -19.20 -8.75 20.07
CA LEU B 321 -19.31 -8.46 18.65
C LEU B 321 -20.04 -7.15 18.39
N HIS B 322 -21.06 -6.84 19.22
CA HIS B 322 -21.74 -5.56 19.07
C HIS B 322 -20.79 -4.39 19.32
N THR B 323 -19.96 -4.49 20.37
CA THR B 323 -19.01 -3.42 20.65
C THR B 323 -17.97 -3.30 19.54
N VAL B 324 -17.44 -4.43 19.05
CA VAL B 324 -16.43 -4.39 18.01
C VAL B 324 -17.00 -3.81 16.72
N GLU B 325 -18.26 -4.14 16.41
CA GLU B 325 -18.89 -3.60 15.20
C GLU B 325 -19.20 -2.12 15.35
N ASP B 326 -19.70 -1.71 16.52
CA ASP B 326 -19.95 -0.28 16.77
C ASP B 326 -18.67 0.53 16.74
N ALA B 327 -17.52 -0.11 17.02
CA ALA B 327 -16.25 0.58 16.86
C ALA B 327 -16.05 1.01 15.41
N MET B 328 -16.42 0.14 14.46
CA MET B 328 -16.31 0.50 13.05
C MET B 328 -17.44 1.44 12.61
N TYR B 329 -18.64 1.26 13.17
CA TYR B 329 -19.76 2.09 12.74
C TYR B 329 -19.60 3.55 13.14
N SER B 330 -18.97 3.81 14.29
CA SER B 330 -18.61 5.19 14.63
C SER B 330 -17.63 5.76 13.60
N PHE B 331 -16.80 4.90 13.01
CA PHE B 331 -15.94 5.24 11.90
C PHE B 331 -16.76 5.21 10.62
N LEU B 332 -16.11 5.07 9.46
CA LEU B 332 -16.65 5.35 8.13
C LEU B 332 -18.14 5.03 8.03
N PRO B 333 -18.95 6.01 7.61
CA PRO B 333 -20.39 5.96 7.91
C PRO B 333 -21.23 5.18 6.92
N GLY B 334 -22.54 5.18 7.16
CA GLY B 334 -23.51 4.57 6.26
C GLY B 334 -23.65 3.08 6.39
N PHE B 335 -23.01 2.45 7.38
CA PHE B 335 -22.97 1.00 7.49
C PHE B 335 -23.77 0.54 8.71
N SER B 336 -24.40 -0.63 8.56
CA SER B 336 -25.13 -1.27 9.64
C SER B 336 -25.46 -2.69 9.21
N ASN B 337 -25.69 -3.55 10.19
CA ASN B 337 -26.16 -4.92 9.97
C ASN B 337 -25.18 -5.71 9.09
N LEU B 338 -23.98 -5.90 9.61
CA LEU B 338 -22.96 -6.70 8.93
C LEU B 338 -23.10 -8.15 9.36
N LYS B 339 -23.32 -9.04 8.39
CA LYS B 339 -23.52 -10.46 8.64
C LYS B 339 -22.55 -11.27 7.78
N LEU B 340 -22.60 -12.59 7.94
CA LEU B 340 -21.72 -13.50 7.23
C LEU B 340 -22.44 -14.20 6.08
N GLN B 341 -21.75 -15.16 5.46
CA GLN B 341 -22.33 -16.01 4.43
C GLN B 341 -21.90 -17.44 4.74
N ARG B 342 -22.82 -18.22 5.31
CA ARG B 342 -22.53 -19.63 5.60
C ARG B 342 -22.26 -20.39 4.31
N ALA B 343 -23.05 -20.10 3.26
CA ALA B 343 -22.78 -20.63 1.94
C ALA B 343 -21.45 -20.06 1.43
N PRO B 344 -20.78 -20.75 0.48
CA PRO B 344 -19.44 -20.32 0.11
C PRO B 344 -19.41 -19.01 -0.65
N LEU B 345 -19.80 -17.94 0.02
CA LEU B 345 -19.72 -16.56 -0.47
C LEU B 345 -18.79 -15.77 0.44
N ASP B 346 -18.72 -14.47 0.20
CA ASP B 346 -17.87 -13.57 0.98
C ASP B 346 -18.68 -12.88 2.08
N LEU B 347 -17.95 -12.30 3.03
CA LEU B 347 -18.59 -11.55 4.10
C LEU B 347 -19.37 -10.38 3.52
N ILE B 348 -20.53 -10.10 4.10
CA ILE B 348 -21.44 -9.09 3.56
C ILE B 348 -21.54 -7.92 4.53
N VAL B 349 -21.56 -6.72 3.97
CA VAL B 349 -21.69 -5.47 4.74
C VAL B 349 -22.54 -4.52 3.92
N ASP B 350 -23.27 -3.64 4.61
CA ASP B 350 -24.16 -2.71 3.94
C ASP B 350 -23.42 -1.48 3.42
N LYS B 351 -23.98 -0.87 2.38
CA LYS B 351 -23.40 0.29 1.69
C LYS B 351 -24.51 1.33 1.50
N ASN B 352 -25.11 1.73 2.62
CA ASN B 352 -26.33 2.55 2.67
C ASN B 352 -27.55 1.73 2.28
N ASN B 353 -27.63 0.50 2.80
CA ASN B 353 -28.85 -0.29 2.85
C ASN B 353 -29.35 -0.69 1.46
N VAL B 354 -28.48 -1.32 0.67
CA VAL B 354 -28.97 -2.08 -0.48
C VAL B 354 -28.48 -3.51 -0.36
N SER B 355 -27.16 -3.70 -0.53
CA SER B 355 -26.44 -4.95 -0.34
C SER B 355 -25.00 -4.71 -0.77
N LEU B 356 -24.09 -5.57 -0.29
CA LEU B 356 -22.70 -5.52 -0.70
C LEU B 356 -21.95 -6.65 0.00
N SER B 357 -20.78 -7.00 -0.55
CA SER B 357 -19.89 -7.97 0.06
C SER B 357 -18.52 -7.33 0.29
N VAL B 358 -17.64 -8.07 0.97
CA VAL B 358 -16.34 -7.52 1.34
C VAL B 358 -15.32 -7.69 0.21
N LEU B 359 -15.45 -8.74 -0.61
CA LEU B 359 -14.55 -8.91 -1.74
C LEU B 359 -14.65 -7.75 -2.73
N GLN B 360 -15.79 -7.07 -2.75
CA GLN B 360 -16.02 -5.91 -3.62
C GLN B 360 -16.19 -4.67 -2.75
N LEU B 361 -15.10 -3.92 -2.57
CA LEU B 361 -15.11 -2.74 -1.72
C LEU B 361 -14.14 -1.70 -2.28
N SER B 362 -14.05 -0.58 -1.58
CA SER B 362 -12.99 0.40 -1.80
C SER B 362 -11.85 0.15 -0.82
N GLN B 363 -10.64 0.47 -1.24
CA GLN B 363 -9.48 0.11 -0.43
C GLN B 363 -9.37 0.95 0.84
N GLY B 364 -9.92 2.16 0.85
CA GLY B 364 -10.00 2.90 2.09
C GLY B 364 -10.88 2.20 3.11
N GLU B 365 -12.07 1.77 2.67
CA GLU B 365 -12.92 0.91 3.49
C GLU B 365 -12.16 -0.33 3.95
N LYS B 366 -11.45 -0.99 3.05
CA LYS B 366 -10.76 -2.22 3.38
C LYS B 366 -9.70 -2.02 4.46
N THR B 367 -8.86 -0.99 4.27
CA THR B 367 -7.79 -0.72 5.22
C THR B 367 -8.35 -0.32 6.58
N ILE B 368 -9.35 0.58 6.59
CA ILE B 368 -9.92 0.99 7.86
C ILE B 368 -10.57 -0.19 8.57
N LEU B 369 -11.33 -1.00 7.83
CA LEU B 369 -11.97 -2.17 8.41
C LEU B 369 -10.95 -3.10 9.05
N ALA B 370 -9.91 -3.45 8.30
CA ALA B 370 -8.91 -4.37 8.83
C ALA B 370 -8.21 -3.79 10.06
N LEU B 371 -7.80 -2.53 9.98
CA LEU B 371 -7.09 -1.88 11.09
C LEU B 371 -7.93 -1.89 12.35
N ILE B 372 -9.17 -1.37 12.25
CA ILE B 372 -10.00 -1.22 13.44
C ILE B 372 -10.43 -2.58 13.97
N ALA B 373 -10.70 -3.54 13.08
CA ALA B 373 -11.05 -4.87 13.53
C ALA B 373 -9.91 -5.50 14.31
N ASP B 374 -8.67 -5.38 13.81
CA ASP B 374 -7.54 -5.95 14.51
C ASP B 374 -7.33 -5.29 15.87
N ILE B 375 -7.40 -3.97 15.92
CA ILE B 375 -7.16 -3.27 17.19
C ILE B 375 -8.24 -3.63 18.20
N ALA B 376 -9.50 -3.61 17.77
CA ALA B 376 -10.59 -3.91 18.69
C ALA B 376 -10.51 -5.35 19.18
N ARG B 377 -10.19 -6.29 18.29
CA ARG B 377 -10.10 -7.69 18.69
C ARG B 377 -8.97 -7.91 19.69
N ARG B 378 -7.82 -7.26 19.47
CA ARG B 378 -6.71 -7.42 20.39
C ARG B 378 -6.99 -6.75 21.74
N LEU B 379 -7.69 -5.61 21.73
CA LEU B 379 -8.07 -4.99 23.00
C LEU B 379 -9.09 -5.83 23.75
N THR B 380 -10.01 -6.49 23.02
CA THR B 380 -10.98 -7.36 23.66
C THR B 380 -10.31 -8.58 24.27
N LEU B 381 -9.34 -9.17 23.57
CA LEU B 381 -8.62 -10.31 24.14
C LEU B 381 -7.78 -9.90 25.33
N LEU B 382 -7.02 -8.81 25.19
CA LEU B 382 -6.12 -8.40 26.26
C LEU B 382 -6.88 -7.95 27.51
N ASN B 383 -8.00 -7.25 27.34
CA ASN B 383 -8.75 -6.76 28.47
C ASN B 383 -9.79 -7.79 28.88
N PRO B 384 -9.73 -8.34 30.10
CA PRO B 384 -10.76 -9.30 30.54
C PRO B 384 -12.12 -8.63 30.73
N ASN B 385 -13.07 -9.38 31.28
CA ASN B 385 -14.43 -8.90 31.50
C ASN B 385 -14.43 -7.51 32.11
N SER B 386 -15.00 -6.55 31.39
CA SER B 386 -15.03 -5.16 31.82
C SER B 386 -16.18 -4.46 31.13
N VAL B 387 -16.56 -3.30 31.67
CA VAL B 387 -17.67 -2.54 31.11
C VAL B 387 -17.32 -2.05 29.70
N ASN B 388 -16.12 -1.50 29.54
CA ASN B 388 -15.66 -0.97 28.25
C ASN B 388 -14.30 -1.59 27.94
N PRO B 389 -14.29 -2.74 27.25
CA PRO B 389 -13.01 -3.37 26.91
C PRO B 389 -12.16 -2.56 25.95
N LEU B 390 -12.73 -1.58 25.25
CA LEU B 390 -12.00 -0.78 24.30
C LEU B 390 -11.22 0.36 24.95
N ASP B 391 -11.32 0.53 26.27
CA ASP B 391 -10.59 1.55 26.99
C ASP B 391 -9.22 1.09 27.46
N GLY B 392 -8.64 0.10 26.79
CA GLY B 392 -7.36 -0.45 27.20
C GLY B 392 -6.23 0.52 26.94
N THR B 393 -5.10 0.22 27.57
CA THR B 393 -3.90 1.05 27.48
C THR B 393 -2.86 0.37 26.59
N GLY B 394 -1.88 1.14 26.15
CA GLY B 394 -0.79 0.61 25.38
C GLY B 394 -0.36 1.57 24.31
N ILE B 395 0.41 1.05 23.35
CA ILE B 395 0.96 1.83 22.25
C ILE B 395 0.54 1.17 20.94
N VAL B 396 -0.07 1.94 20.05
CA VAL B 396 -0.44 1.48 18.72
C VAL B 396 0.26 2.37 17.70
N LEU B 397 1.24 1.81 17.01
CA LEU B 397 2.01 2.55 16.02
C LEU B 397 1.39 2.35 14.64
N ILE B 398 0.92 3.44 14.04
CA ILE B 398 0.36 3.42 12.69
C ILE B 398 1.33 4.14 11.79
N ASP B 399 1.94 3.42 10.86
CA ASP B 399 2.86 3.98 9.90
C ASP B 399 2.12 4.30 8.60
N GLU B 400 2.34 5.51 8.07
CA GLU B 400 1.69 5.97 6.85
C GLU B 400 0.17 5.97 7.02
N ILE B 401 -0.30 6.78 7.97
CA ILE B 401 -1.73 6.84 8.24
C ILE B 401 -2.49 7.44 7.06
N ASP B 402 -1.84 8.28 6.27
CA ASP B 402 -2.50 8.85 5.10
C ASP B 402 -2.41 7.89 3.92
N LEU B 403 -2.83 6.65 4.13
CA LEU B 403 -2.79 5.61 3.11
C LEU B 403 -4.22 5.22 2.77
N HIS B 404 -4.65 5.56 1.56
CA HIS B 404 -5.97 5.18 1.04
C HIS B 404 -7.09 5.68 1.94
N LEU B 405 -7.22 7.00 2.00
CA LEU B 405 -8.37 7.63 2.67
C LEU B 405 -8.71 8.90 1.91
N HIS B 406 -9.99 9.10 1.61
CA HIS B 406 -10.38 10.28 0.85
C HIS B 406 -10.06 11.54 1.66
N PRO B 407 -9.71 12.64 1.00
CA PRO B 407 -9.11 13.77 1.74
C PRO B 407 -10.01 14.37 2.81
N SER B 408 -11.32 14.14 2.75
CA SER B 408 -12.20 14.55 3.84
C SER B 408 -12.16 13.58 5.01
N TRP B 409 -11.45 12.46 4.87
CA TRP B 409 -11.22 11.52 5.96
C TRP B 409 -9.94 11.83 6.70
N GLN B 410 -8.90 12.26 5.99
CA GLN B 410 -7.60 12.57 6.58
C GLN B 410 -7.72 13.81 7.48
N GLN B 411 -8.94 14.28 7.69
CA GLN B 411 -9.19 15.32 8.67
C GLN B 411 -9.98 14.83 9.88
N ASN B 412 -10.42 13.57 9.88
CA ASN B 412 -11.16 13.00 10.99
C ASN B 412 -10.60 11.65 11.45
N ILE B 413 -9.61 11.11 10.74
CA ILE B 413 -9.10 9.78 11.07
C ILE B 413 -8.46 9.77 12.46
N ILE B 414 -7.68 10.80 12.79
CA ILE B 414 -7.00 10.85 14.07
C ILE B 414 -7.96 11.19 15.20
N PRO B 415 -8.78 12.25 15.11
CA PRO B 415 -9.69 12.55 16.22
C PRO B 415 -10.63 11.41 16.54
N ARG B 416 -11.14 10.69 15.54
CA ARG B 416 -12.00 9.55 15.83
C ARG B 416 -11.22 8.37 16.40
N LEU B 417 -9.97 8.18 15.98
CA LEU B 417 -9.15 7.12 16.57
C LEU B 417 -8.91 7.38 18.05
N GLU B 418 -8.64 8.63 18.43
CA GLU B 418 -8.47 8.96 19.84
C GLU B 418 -9.78 9.28 20.53
N LYS B 419 -10.90 9.20 19.81
CA LYS B 419 -12.23 9.30 20.40
C LYS B 419 -12.77 7.93 20.81
N THR B 420 -12.80 6.98 19.88
CA THR B 420 -13.30 5.64 20.20
C THR B 420 -12.31 4.90 21.10
N PHE B 421 -11.05 4.81 20.67
CA PHE B 421 -10.00 4.11 21.41
C PHE B 421 -9.24 5.08 22.31
N LYS B 422 -9.98 5.82 23.13
CA LYS B 422 -9.43 6.99 23.82
C LYS B 422 -8.64 6.65 25.07
N ASN B 423 -7.78 5.64 25.01
CA ASN B 423 -6.85 5.45 26.13
C ASN B 423 -5.48 5.03 25.60
N ILE B 424 -5.22 5.08 24.30
CA ILE B 424 -3.99 4.58 23.71
C ILE B 424 -3.26 5.73 23.02
N GLN B 425 -1.97 5.87 23.32
CA GLN B 425 -1.14 6.83 22.59
C GLN B 425 -0.97 6.38 21.15
N PHE B 426 -1.11 7.33 20.22
CA PHE B 426 -1.04 7.04 18.80
C PHE B 426 0.12 7.85 18.21
N ILE B 427 1.24 7.18 17.98
CA ILE B 427 2.39 7.79 17.32
C ILE B 427 2.29 7.43 15.84
N VAL B 428 1.82 8.38 15.03
CA VAL B 428 1.52 8.12 13.62
C VAL B 428 2.43 8.97 12.75
N THR B 429 2.55 8.57 11.49
CA THR B 429 3.36 9.27 10.51
C THR B 429 2.51 9.56 9.28
N THR B 430 2.67 10.75 8.71
CA THR B 430 1.83 11.15 7.59
C THR B 430 2.55 12.20 6.76
N HIS B 431 2.02 12.42 5.56
CA HIS B 431 2.52 13.40 4.60
C HIS B 431 1.53 14.50 4.30
N SER B 432 0.25 14.17 4.16
CA SER B 432 -0.75 15.16 3.78
C SER B 432 -0.95 16.18 4.90
N PRO B 433 -0.86 17.48 4.60
CA PRO B 433 -1.09 18.48 5.66
C PRO B 433 -2.47 18.41 6.29
N GLN B 434 -3.46 17.88 5.57
CA GLN B 434 -4.82 17.80 6.11
C GLN B 434 -4.90 16.90 7.33
N VAL B 435 -3.95 15.99 7.52
CA VAL B 435 -3.93 15.18 8.73
C VAL B 435 -3.69 16.05 9.95
N CYS B 436 -2.89 17.10 9.79
CA CYS B 436 -2.60 18.04 10.86
C CYS B 436 -3.68 19.10 11.03
N HIS B 437 -4.72 19.09 10.20
CA HIS B 437 -5.73 20.15 10.24
C HIS B 437 -6.54 20.14 11.52
N THR B 438 -6.60 19.02 12.23
CA THR B 438 -7.32 18.92 13.49
C THR B 438 -6.38 18.62 14.65
N ILE B 439 -5.12 19.02 14.52
CA ILE B 439 -4.08 18.72 15.50
C ILE B 439 -3.40 20.02 15.90
N ASP B 440 -3.18 20.17 17.21
CA ASP B 440 -2.50 21.36 17.71
C ASP B 440 -1.03 21.37 17.25
N SER B 441 -0.45 22.58 17.23
CA SER B 441 0.91 22.74 16.74
C SER B 441 1.93 22.04 17.64
N GLN B 442 1.63 21.93 18.93
CA GLN B 442 2.58 21.31 19.86
C GLN B 442 2.69 19.80 19.69
N ASN B 443 1.78 19.18 18.93
CA ASN B 443 1.79 17.73 18.73
C ASN B 443 2.57 17.32 17.49
N ILE B 444 3.17 18.27 16.78
CA ILE B 444 3.71 18.05 15.44
C ILE B 444 5.22 18.15 15.50
N TRP B 445 5.91 17.24 14.80
CA TRP B 445 7.37 17.20 14.81
C TRP B 445 7.86 17.19 13.36
N LEU B 446 8.23 18.36 12.86
CA LEU B 446 8.79 18.46 11.51
C LEU B 446 10.19 17.84 11.48
N LEU B 447 10.55 17.31 10.31
CA LEU B 447 11.86 16.71 10.11
C LEU B 447 12.50 17.24 8.83
N LYS B 448 13.81 17.48 8.89
CA LYS B 448 14.55 17.95 7.72
C LYS B 448 16.03 17.69 7.95
N ASN B 449 16.64 16.88 7.07
CA ASN B 449 18.07 16.57 7.12
C ASN B 449 18.46 15.97 8.48
N GLY B 450 17.67 15.01 8.94
CA GLY B 450 17.94 14.38 10.22
C GLY B 450 17.86 15.31 11.40
N GLN B 451 16.98 16.30 11.34
CA GLN B 451 16.81 17.28 12.41
C GLN B 451 15.33 17.46 12.68
N LYS B 452 14.99 17.77 13.93
CA LYS B 452 13.62 17.85 14.38
C LYS B 452 13.25 19.30 14.69
N PHE B 453 12.13 19.75 14.15
CA PHE B 453 11.62 21.09 14.38
C PHE B 453 10.19 21.02 14.89
N LYS B 454 9.79 22.06 15.61
CA LYS B 454 8.45 22.14 16.16
C LYS B 454 7.50 22.79 15.17
#